data_9FIQ
#
_entry.id   9FIQ
#
_cell.length_a   75.754
_cell.length_b   70.461
_cell.length_c   77.946
_cell.angle_alpha   90
_cell.angle_beta   92.905
_cell.angle_gamma   90
#
_symmetry.space_group_name_H-M   'P 1 21 1'
#
loop_
_entity.id
_entity.type
_entity.pdbx_description
1 polymer 'Ubiquitin carboxyl-terminal hydrolase 7'
2 non-polymer 3-[[4-oxidanyl-1-[(3~{S},4~{S})-3-phenyl-1-(phenylmethyl)piperidin-4-yl]carbonyl-piperidin-4-yl]methyl]quinazolin-4-one
3 water water
#
_entity_poly.entity_id   1
_entity_poly.type   'polypeptide(L)'
_entity_poly.pdbx_seq_one_letter_code
;GSKKHTGYVGLKNQGATCYMNSLLQTLFFTNQLRKAVYMMPTEGDDSSKSVPLALQRVFYELQHSDKPVGTKKLTKSFGW
ETLDSFMQHDVQELCRVLLDNVENKMKGTCVEGTIPKLFRGKMVSYIQCKEVDYRSDRREDYYDIQLSIKGKKNIFESFV
DYVAVEQLDGDNKYDAGEHGLQEAEKGVKFLTLPPVLHLQLMRFMYDPQTDQNIKINDRFEFPEQLPLDEFLQKTDPKDP
ANYILHAVLVHSGDNHGGHYVVYLNPKGDGKWCKFDDDVVSRCTKEEAIEHNYGGHDDDLSVRHCTNAYMLVYIRESKLS
EVLQAVTDHDIPQQLVERLQEEKRIEAQKRKERQE
;
_entity_poly.pdbx_strand_id   A,B
#
loop_
_chem_comp.id
_chem_comp.type
_chem_comp.name
_chem_comp.formula
A1ICV non-polymer 3-[[4-oxidanyl-1-[(3~{S},4~{S})-3-phenyl-1-(phenylmethyl)piperidin-4-yl]carbonyl-piperidin-4-yl]methyl]quinazolin-4-one 'C33 H36 N4 O3'
#
# COMPACT_ATOMS: atom_id res chain seq x y z
N THR A 6 12.24 10.08 -23.84
CA THR A 6 12.04 8.61 -23.94
C THR A 6 10.99 8.30 -25.01
N GLY A 7 9.93 9.10 -25.09
CA GLY A 7 8.78 8.82 -25.94
C GLY A 7 7.71 8.02 -25.17
N TYR A 8 8.15 7.18 -24.24
CA TYR A 8 7.29 6.22 -23.56
C TYR A 8 6.66 6.86 -22.33
N VAL A 9 5.50 6.36 -21.94
CA VAL A 9 4.66 7.00 -20.94
C VAL A 9 4.40 6.03 -19.79
N GLY A 10 4.06 6.61 -18.63
CA GLY A 10 4.06 5.93 -17.33
C GLY A 10 2.67 5.63 -16.80
N LEU A 11 2.62 4.94 -15.65
CA LEU A 11 1.37 4.57 -15.01
C LEU A 11 1.17 5.31 -13.68
N LYS A 12 -0.10 5.59 -13.40
CA LYS A 12 -0.47 6.26 -12.17
C LYS A 12 -0.30 5.29 -11.01
N ASN A 13 -0.22 5.86 -9.80
CA ASN A 13 -0.22 5.07 -8.58
C ASN A 13 -1.57 5.19 -7.88
N GLN A 14 -2.26 4.07 -7.68
CA GLN A 14 -3.46 4.11 -6.85
C GLN A 14 -3.09 3.60 -5.46
N GLY A 15 -1.87 3.07 -5.32
CA GLY A 15 -1.33 2.61 -4.04
C GLY A 15 -1.70 1.15 -3.81
N ALA A 16 -0.71 0.33 -3.45
CA ALA A 16 -0.91 -1.08 -3.15
C ALA A 16 -0.99 -1.96 -4.40
N THR A 17 -1.07 -1.35 -5.58
CA THR A 17 -1.06 -2.13 -6.82
C THR A 17 0.18 -3.02 -6.79
N CYS A 18 1.22 -2.58 -6.10
CA CYS A 18 2.45 -3.33 -5.92
C CYS A 18 3.10 -3.58 -7.28
N TYR A 19 3.00 -4.83 -7.76
CA TYR A 19 3.71 -5.29 -8.94
C TYR A 19 2.88 -5.03 -10.19
N MET A 20 1.62 -4.64 -10.00
CA MET A 20 0.70 -4.54 -11.12
C MET A 20 1.26 -3.64 -12.23
N ASN A 21 1.72 -2.44 -11.86
CA ASN A 21 2.23 -1.50 -12.85
C ASN A 21 3.47 -2.02 -13.60
N SER A 22 4.30 -2.79 -12.89
CA SER A 22 5.48 -3.44 -13.46
C SER A 22 5.05 -4.49 -14.48
N LEU A 23 4.04 -5.29 -14.14
CA LEU A 23 3.57 -6.34 -15.02
C LEU A 23 2.96 -5.71 -16.27
N LEU A 24 2.11 -4.70 -16.08
CA LEU A 24 1.38 -4.09 -17.18
C LEU A 24 2.35 -3.53 -18.24
N GLN A 25 3.51 -3.01 -17.86
CA GLN A 25 4.42 -2.48 -18.87
C GLN A 25 5.09 -3.62 -19.62
N THR A 26 5.46 -4.65 -18.88
CA THR A 26 6.09 -5.82 -19.47
C THR A 26 5.19 -6.37 -20.58
N LEU A 27 3.89 -6.43 -20.32
CA LEU A 27 2.93 -6.93 -21.30
C LEU A 27 2.83 -5.94 -22.46
N PHE A 28 2.64 -4.65 -22.16
CA PHE A 28 2.55 -3.63 -23.18
C PHE A 28 3.72 -3.71 -24.17
N PHE A 29 4.95 -3.95 -23.68
CA PHE A 29 6.11 -4.01 -24.56
C PHE A 29 6.39 -5.42 -25.11
N THR A 30 5.44 -6.35 -24.94
CA THR A 30 5.39 -7.57 -25.73
C THR A 30 4.48 -7.29 -26.93
N ASN A 31 5.10 -6.74 -27.97
CA ASN A 31 4.39 -6.06 -29.03
C ASN A 31 3.38 -6.98 -29.71
N GLN A 32 3.72 -8.26 -29.87
CA GLN A 32 2.81 -9.16 -30.57
C GLN A 32 1.57 -9.49 -29.74
N LEU A 33 1.72 -9.48 -28.41
CA LEU A 33 0.58 -9.53 -27.50
C LEU A 33 -0.31 -8.33 -27.73
N ARG A 34 0.30 -7.14 -27.68
CA ARG A 34 -0.44 -5.90 -27.73
C ARG A 34 -1.38 -5.86 -28.94
N LYS A 35 -0.85 -6.17 -30.14
CA LYS A 35 -1.62 -6.16 -31.37
C LYS A 35 -2.81 -7.11 -31.21
N ALA A 36 -2.54 -8.36 -30.83
CA ALA A 36 -3.61 -9.32 -30.62
C ALA A 36 -4.64 -8.82 -29.61
N VAL A 37 -4.23 -8.19 -28.49
CA VAL A 37 -5.20 -7.61 -27.55
C VAL A 37 -6.07 -6.60 -28.31
N TYR A 38 -5.44 -5.63 -28.97
CA TYR A 38 -6.15 -4.67 -29.82
C TYR A 38 -7.04 -5.34 -30.88
N MET A 39 -6.76 -6.57 -31.33
CA MET A 39 -7.62 -7.22 -32.32
C MET A 39 -8.74 -8.08 -31.72
N MET A 40 -9.01 -8.02 -30.40
CA MET A 40 -10.09 -8.79 -29.80
C MET A 40 -11.44 -8.12 -30.04
N PRO A 41 -12.54 -8.90 -30.19
CA PRO A 41 -13.87 -8.34 -30.45
C PRO A 41 -14.69 -7.99 -29.22
N THR A 42 -14.46 -6.80 -28.63
CA THR A 42 -15.25 -6.34 -27.50
C THR A 42 -16.06 -5.10 -27.87
N GLU A 43 -16.82 -5.19 -28.98
CA GLU A 43 -17.79 -4.14 -29.31
C GLU A 43 -18.88 -4.08 -28.23
N GLY A 44 -19.56 -5.21 -27.99
CA GLY A 44 -20.74 -5.22 -27.16
C GLY A 44 -20.46 -5.79 -25.77
N ASP A 45 -19.48 -5.20 -25.07
CA ASP A 45 -19.06 -5.66 -23.75
C ASP A 45 -19.27 -4.58 -22.70
N ASP A 46 -19.56 -4.99 -21.46
CA ASP A 46 -19.80 -4.06 -20.37
C ASP A 46 -18.48 -3.50 -19.85
N SER A 47 -18.28 -2.17 -20.00
CA SER A 47 -17.03 -1.49 -19.67
C SER A 47 -16.51 -1.80 -18.27
N SER A 48 -17.44 -1.88 -17.30
CA SER A 48 -17.09 -1.82 -15.89
C SER A 48 -16.69 -3.19 -15.33
N LYS A 49 -16.97 -4.30 -16.03
CA LYS A 49 -16.58 -5.60 -15.52
C LYS A 49 -16.08 -6.55 -16.62
N SER A 50 -15.58 -6.00 -17.73
CA SER A 50 -14.87 -6.79 -18.71
C SER A 50 -13.36 -6.57 -18.52
N VAL A 51 -12.63 -7.64 -18.20
CA VAL A 51 -11.18 -7.58 -18.11
C VAL A 51 -10.60 -7.21 -19.47
N PRO A 52 -10.97 -7.91 -20.57
CA PRO A 52 -10.37 -7.64 -21.89
C PRO A 52 -10.55 -6.20 -22.38
N LEU A 53 -11.77 -5.68 -22.24
CA LEU A 53 -12.07 -4.29 -22.54
C LEU A 53 -11.08 -3.37 -21.83
N ALA A 54 -11.00 -3.49 -20.49
CA ALA A 54 -10.17 -2.62 -19.66
C ALA A 54 -8.70 -2.71 -20.04
N LEU A 55 -8.23 -3.91 -20.44
CA LEU A 55 -6.85 -4.12 -20.86
C LEU A 55 -6.59 -3.33 -22.13
N GLN A 56 -7.63 -3.17 -22.96
CA GLN A 56 -7.50 -2.38 -24.18
C GLN A 56 -7.35 -0.90 -23.81
N ARG A 57 -8.12 -0.44 -22.82
CA ARG A 57 -8.03 0.95 -22.42
C ARG A 57 -6.58 1.24 -22.04
N VAL A 58 -6.03 0.44 -21.12
CA VAL A 58 -4.72 0.71 -20.60
C VAL A 58 -3.75 0.75 -21.76
N PHE A 59 -3.82 -0.29 -22.59
CA PHE A 59 -2.92 -0.45 -23.73
C PHE A 59 -3.05 0.76 -24.67
N TYR A 60 -4.29 1.16 -24.95
CA TYR A 60 -4.51 2.26 -25.86
C TYR A 60 -3.92 3.53 -25.29
N GLU A 61 -4.17 3.78 -24.01
CA GLU A 61 -3.69 5.01 -23.37
C GLU A 61 -2.16 5.02 -23.34
N LEU A 62 -1.57 3.86 -23.02
CA LEU A 62 -0.12 3.80 -22.95
C LEU A 62 0.46 4.16 -24.31
N GLN A 63 -0.27 3.81 -25.38
CA GLN A 63 0.21 4.10 -26.72
C GLN A 63 0.14 5.60 -27.00
N HIS A 64 -0.96 6.25 -26.62
CA HIS A 64 -1.19 7.64 -27.01
C HIS A 64 -0.94 8.66 -25.89
N SER A 65 -1.48 8.43 -24.69
CA SER A 65 -1.48 9.45 -23.66
C SER A 65 -0.11 10.11 -23.54
N ASP A 66 -0.10 11.42 -23.21
CA ASP A 66 1.13 12.16 -22.95
C ASP A 66 1.25 12.41 -21.45
N LYS A 67 0.17 12.10 -20.72
CA LYS A 67 0.17 12.24 -19.27
C LYS A 67 0.24 10.87 -18.61
N PRO A 68 0.67 10.79 -17.34
CA PRO A 68 0.53 9.56 -16.57
C PRO A 68 -0.82 8.87 -16.84
N VAL A 69 -0.77 7.58 -17.18
CA VAL A 69 -1.96 6.78 -17.39
C VAL A 69 -2.44 6.13 -16.08
N GLY A 70 -3.75 5.95 -15.98
CA GLY A 70 -4.34 5.39 -14.77
C GLY A 70 -4.89 3.99 -15.04
N THR A 71 -5.16 3.23 -13.97
CA THR A 71 -5.50 1.81 -14.09
C THR A 71 -6.74 1.48 -13.26
N LYS A 72 -7.43 2.49 -12.75
CA LYS A 72 -8.48 2.31 -11.75
C LYS A 72 -9.51 1.29 -12.22
N LYS A 73 -9.91 1.39 -13.49
CA LYS A 73 -10.99 0.57 -14.04
C LYS A 73 -10.56 -0.88 -14.17
N LEU A 74 -9.26 -1.14 -14.34
CA LEU A 74 -8.77 -2.50 -14.54
C LEU A 74 -8.89 -3.25 -13.21
N THR A 75 -8.38 -2.61 -12.16
CA THR A 75 -8.39 -3.16 -10.82
C THR A 75 -9.81 -3.59 -10.49
N LYS A 76 -10.75 -2.73 -10.85
CA LYS A 76 -12.17 -3.00 -10.74
C LYS A 76 -12.58 -4.24 -11.55
N SER A 77 -12.16 -4.34 -12.81
CA SER A 77 -12.70 -5.37 -13.67
C SER A 77 -12.41 -6.77 -13.11
N PHE A 78 -11.18 -7.05 -12.61
CA PHE A 78 -10.87 -8.38 -12.07
C PHE A 78 -10.91 -8.42 -10.54
N GLY A 79 -11.39 -7.36 -9.90
CA GLY A 79 -11.97 -7.48 -8.56
C GLY A 79 -10.97 -7.82 -7.45
N TRP A 80 -9.78 -7.19 -7.49
CA TRP A 80 -8.87 -7.17 -6.36
C TRP A 80 -8.97 -5.80 -5.69
N GLU A 81 -9.81 -5.68 -4.67
CA GLU A 81 -10.02 -4.41 -4.00
C GLU A 81 -9.87 -4.55 -2.49
N THR A 82 -9.97 -5.78 -1.97
CA THR A 82 -9.78 -6.00 -0.54
C THR A 82 -8.36 -5.62 -0.15
N LEU A 83 -8.23 -5.11 1.09
CA LEU A 83 -7.03 -4.51 1.66
C LEU A 83 -5.77 -5.35 1.48
N ASP A 84 -5.90 -6.65 1.18
CA ASP A 84 -4.72 -7.50 1.09
C ASP A 84 -4.52 -8.10 -0.31
N SER A 85 -5.46 -7.93 -1.27
CA SER A 85 -5.44 -8.67 -2.54
C SER A 85 -4.05 -8.91 -3.14
N PHE A 86 -3.24 -7.85 -3.27
CA PHE A 86 -1.94 -7.87 -3.93
C PHE A 86 -0.81 -8.44 -3.07
N MET A 87 -0.75 -8.06 -1.79
CA MET A 87 0.19 -8.62 -0.83
C MET A 87 0.06 -10.15 -0.77
N GLN A 88 -1.16 -10.69 -1.04
CA GLN A 88 -1.51 -12.08 -0.83
C GLN A 88 -1.29 -12.96 -2.06
N HIS A 89 -0.75 -12.39 -3.14
CA HIS A 89 -0.59 -13.09 -4.42
C HIS A 89 0.82 -12.92 -4.98
N ASP A 90 1.21 -13.80 -5.92
CA ASP A 90 2.45 -13.71 -6.68
C ASP A 90 2.17 -13.05 -8.03
N VAL A 91 3.18 -12.37 -8.62
CA VAL A 91 3.11 -11.89 -9.99
C VAL A 91 2.51 -12.95 -10.93
N GLN A 92 3.10 -14.15 -10.96
CA GLN A 92 2.62 -15.17 -11.88
C GLN A 92 1.10 -15.33 -11.80
N GLU A 93 0.54 -15.04 -10.63
CA GLU A 93 -0.89 -15.19 -10.44
C GLU A 93 -1.61 -14.16 -11.30
N LEU A 94 -1.20 -12.88 -11.11
CA LEU A 94 -1.84 -11.73 -11.73
C LEU A 94 -1.81 -11.91 -13.24
N CYS A 95 -0.60 -12.06 -13.76
CA CYS A 95 -0.38 -12.39 -15.15
C CYS A 95 -1.40 -13.41 -15.62
N ARG A 96 -1.51 -14.53 -14.89
CA ARG A 96 -2.40 -15.60 -15.31
C ARG A 96 -3.85 -15.11 -15.39
N VAL A 97 -4.27 -14.30 -14.42
CA VAL A 97 -5.60 -13.71 -14.45
C VAL A 97 -5.81 -12.94 -15.75
N LEU A 98 -4.82 -12.11 -16.14
CA LEU A 98 -4.93 -11.31 -17.34
C LEU A 98 -4.91 -12.19 -18.60
N LEU A 99 -3.82 -12.93 -18.83
CA LEU A 99 -3.67 -13.62 -20.11
C LEU A 99 -4.75 -14.70 -20.27
N ASP A 100 -5.31 -15.19 -19.15
CA ASP A 100 -6.42 -16.13 -19.20
C ASP A 100 -7.62 -15.53 -19.93
N ASN A 101 -8.17 -14.46 -19.35
CA ASN A 101 -9.30 -13.73 -19.88
C ASN A 101 -9.12 -13.42 -21.37
N VAL A 102 -7.88 -13.05 -21.74
CA VAL A 102 -7.54 -12.67 -23.10
C VAL A 102 -7.47 -13.89 -24.02
N GLU A 103 -6.85 -14.97 -23.57
CA GLU A 103 -6.79 -16.18 -24.39
C GLU A 103 -8.20 -16.56 -24.80
N ASN A 104 -9.12 -16.46 -23.84
CA ASN A 104 -10.50 -16.88 -24.00
C ASN A 104 -11.31 -15.93 -24.90
N LYS A 105 -10.89 -14.66 -24.99
CA LYS A 105 -11.63 -13.70 -25.78
C LYS A 105 -11.24 -13.81 -27.24
N MET A 106 -10.09 -14.44 -27.51
CA MET A 106 -9.59 -14.58 -28.87
C MET A 106 -10.14 -15.81 -29.57
N LYS A 107 -10.89 -16.67 -28.86
CA LYS A 107 -11.34 -17.94 -29.42
C LYS A 107 -12.36 -17.68 -30.52
N GLY A 108 -12.09 -18.26 -31.70
CA GLY A 108 -12.88 -18.05 -32.90
C GLY A 108 -12.17 -17.15 -33.90
N THR A 109 -11.51 -16.10 -33.40
CA THR A 109 -11.00 -15.02 -34.24
C THR A 109 -9.69 -15.43 -34.93
N CYS A 110 -9.19 -14.47 -35.72
CA CYS A 110 -8.03 -14.60 -36.58
C CYS A 110 -6.72 -14.66 -35.79
N VAL A 111 -6.82 -14.49 -34.47
CA VAL A 111 -5.66 -14.36 -33.62
C VAL A 111 -5.72 -15.35 -32.44
N GLU A 112 -6.75 -16.22 -32.47
CA GLU A 112 -6.92 -17.33 -31.55
C GLU A 112 -5.58 -18.03 -31.28
N GLY A 113 -5.34 -18.38 -30.02
CA GLY A 113 -4.15 -19.11 -29.61
C GLY A 113 -2.85 -18.33 -29.79
N THR A 114 -2.91 -17.00 -29.71
CA THR A 114 -1.70 -16.18 -29.71
C THR A 114 -0.93 -16.41 -28.39
N ILE A 115 -1.66 -16.45 -27.27
CA ILE A 115 -1.05 -16.54 -25.96
C ILE A 115 -0.20 -17.80 -25.83
N PRO A 116 -0.77 -19.00 -26.05
CA PRO A 116 0.04 -20.21 -26.04
C PRO A 116 1.20 -20.15 -27.02
N LYS A 117 1.01 -19.53 -28.19
CA LYS A 117 2.10 -19.41 -29.14
C LYS A 117 3.24 -18.59 -28.54
N LEU A 118 2.92 -17.61 -27.69
CA LEU A 118 3.93 -16.71 -27.14
C LEU A 118 4.54 -17.20 -25.83
N PHE A 119 3.75 -17.76 -24.91
CA PHE A 119 4.25 -17.94 -23.56
C PHE A 119 4.30 -19.40 -23.14
N ARG A 120 3.75 -20.32 -23.95
CA ARG A 120 3.58 -21.70 -23.50
C ARG A 120 4.69 -22.62 -24.03
N GLY A 121 5.28 -23.40 -23.11
CA GLY A 121 6.20 -24.49 -23.45
C GLY A 121 5.83 -25.82 -22.77
N LYS A 122 6.55 -26.88 -23.11
CA LYS A 122 6.20 -28.22 -22.62
C LYS A 122 7.36 -28.89 -21.87
N MET A 123 6.94 -29.66 -20.87
CA MET A 123 7.77 -30.19 -19.81
C MET A 123 7.51 -31.69 -19.71
N VAL A 124 8.50 -32.46 -19.21
CA VAL A 124 8.35 -33.89 -18.96
C VAL A 124 8.70 -34.19 -17.51
N SER A 125 7.68 -34.54 -16.71
CA SER A 125 7.88 -35.08 -15.36
C SER A 125 8.05 -36.59 -15.47
N TYR A 126 8.92 -37.17 -14.62
CA TYR A 126 9.12 -38.61 -14.67
C TYR A 126 9.56 -39.14 -13.32
N ILE A 127 9.11 -40.37 -13.05
CA ILE A 127 9.58 -41.18 -11.95
C ILE A 127 10.11 -42.48 -12.55
N GLN A 128 11.29 -42.90 -12.08
CA GLN A 128 11.91 -44.15 -12.52
C GLN A 128 12.32 -44.99 -11.31
N CYS A 129 11.90 -46.27 -11.34
CA CYS A 129 12.23 -47.23 -10.29
C CYS A 129 13.65 -47.76 -10.48
N LYS A 130 14.40 -47.88 -9.37
CA LYS A 130 15.82 -48.21 -9.43
C LYS A 130 16.06 -49.67 -9.81
N GLU A 131 15.62 -50.65 -8.99
CA GLU A 131 15.84 -52.06 -9.30
C GLU A 131 14.72 -52.69 -10.13
N VAL A 132 13.52 -52.08 -10.16
CA VAL A 132 12.35 -52.67 -10.80
C VAL A 132 12.00 -51.88 -12.07
N ASP A 133 11.17 -52.46 -12.95
CA ASP A 133 10.83 -51.83 -14.22
C ASP A 133 9.40 -51.27 -14.24
N TYR A 134 9.22 -50.05 -13.70
CA TYR A 134 8.06 -49.22 -14.01
C TYR A 134 8.52 -47.76 -14.11
N ARG A 135 8.08 -47.10 -15.20
CA ARG A 135 8.33 -45.68 -15.40
C ARG A 135 6.99 -44.98 -15.63
N SER A 136 6.88 -43.77 -15.08
CA SER A 136 5.72 -42.93 -15.30
C SER A 136 6.17 -41.62 -15.93
N ASP A 137 5.58 -41.31 -17.10
CA ASP A 137 5.88 -40.10 -17.85
C ASP A 137 4.61 -39.28 -18.04
N ARG A 138 4.59 -38.06 -17.49
CA ARG A 138 3.49 -37.13 -17.76
C ARG A 138 4.04 -35.82 -18.36
N ARG A 139 3.53 -35.50 -19.56
CA ARG A 139 3.81 -34.25 -20.27
C ARG A 139 3.05 -33.10 -19.62
N GLU A 140 3.61 -31.88 -19.62
CA GLU A 140 2.92 -30.77 -19.00
C GLU A 140 3.23 -29.45 -19.68
N ASP A 141 2.17 -28.69 -19.94
CA ASP A 141 2.34 -27.35 -20.49
C ASP A 141 2.70 -26.45 -19.31
N TYR A 142 3.51 -25.42 -19.57
CA TYR A 142 3.81 -24.41 -18.59
C TYR A 142 3.74 -23.06 -19.28
N TYR A 143 3.48 -21.99 -18.50
CA TYR A 143 3.45 -20.63 -19.02
C TYR A 143 4.44 -19.72 -18.30
N ASP A 144 5.20 -20.27 -17.33
CA ASP A 144 6.15 -19.55 -16.50
C ASP A 144 6.93 -20.59 -15.70
N ILE A 145 8.10 -20.26 -15.16
CA ILE A 145 8.85 -21.21 -14.34
C ILE A 145 9.38 -20.51 -13.07
N GLN A 146 9.43 -21.23 -11.93
CA GLN A 146 9.87 -20.68 -10.65
C GLN A 146 11.24 -21.26 -10.27
N LEU A 147 12.21 -20.38 -9.95
CA LEU A 147 13.60 -20.78 -9.78
C LEU A 147 14.03 -20.64 -8.33
N SER A 148 14.91 -21.55 -7.92
CA SER A 148 15.47 -21.59 -6.58
C SER A 148 16.64 -20.61 -6.50
N ILE A 149 16.65 -19.79 -5.44
CA ILE A 149 17.69 -18.79 -5.25
C ILE A 149 18.62 -19.23 -4.12
N LYS A 150 18.03 -19.63 -2.98
CA LYS A 150 18.76 -19.80 -1.73
C LYS A 150 19.91 -20.79 -1.96
N GLY A 151 21.13 -20.30 -1.78
CA GLY A 151 22.33 -21.08 -1.98
C GLY A 151 22.65 -21.31 -3.46
N LYS A 152 22.11 -20.45 -4.32
CA LYS A 152 22.43 -20.52 -5.73
C LYS A 152 23.01 -19.16 -6.11
N LYS A 153 24.08 -19.20 -6.90
CA LYS A 153 24.84 -17.99 -7.22
C LYS A 153 24.22 -17.27 -8.41
N ASN A 154 23.67 -18.06 -9.34
CA ASN A 154 23.24 -17.56 -10.64
C ASN A 154 22.19 -18.48 -11.28
N ILE A 155 21.59 -17.99 -12.36
CA ILE A 155 20.59 -18.69 -13.13
C ILE A 155 21.03 -20.11 -13.45
N PHE A 156 22.25 -20.28 -13.95
CA PHE A 156 22.70 -21.54 -14.54
C PHE A 156 22.56 -22.67 -13.51
N GLU A 157 22.92 -22.40 -12.25
CA GLU A 157 22.73 -23.33 -11.15
C GLU A 157 21.25 -23.60 -10.88
N SER A 158 20.39 -22.57 -11.03
CA SER A 158 18.97 -22.70 -10.76
C SER A 158 18.35 -23.69 -11.74
N PHE A 159 18.76 -23.62 -13.00
CA PHE A 159 18.27 -24.56 -14.01
C PHE A 159 18.78 -25.97 -13.67
N VAL A 160 20.11 -26.12 -13.58
CA VAL A 160 20.77 -27.32 -13.10
C VAL A 160 20.04 -27.90 -11.89
N ASP A 161 19.63 -27.03 -10.95
CA ASP A 161 18.90 -27.46 -9.78
C ASP A 161 17.50 -27.94 -10.16
N TYR A 162 16.79 -27.17 -10.99
CA TYR A 162 15.44 -27.50 -11.44
C TYR A 162 15.38 -28.90 -12.04
N VAL A 163 16.43 -29.28 -12.80
CA VAL A 163 16.48 -30.56 -13.51
C VAL A 163 17.21 -31.61 -12.68
N ALA A 164 17.65 -31.24 -11.48
CA ALA A 164 18.36 -32.17 -10.64
C ALA A 164 17.47 -33.38 -10.41
N VAL A 165 18.07 -34.56 -10.44
CA VAL A 165 17.35 -35.78 -10.12
C VAL A 165 17.15 -35.87 -8.60
N GLU A 166 15.89 -35.94 -8.18
CA GLU A 166 15.53 -36.25 -6.81
C GLU A 166 15.67 -37.75 -6.58
N GLN A 167 15.88 -38.14 -5.31
CA GLN A 167 15.85 -39.53 -4.85
C GLN A 167 14.61 -39.81 -4.01
N LEU A 168 14.18 -41.07 -3.99
CA LEU A 168 13.03 -41.48 -3.18
C LEU A 168 13.40 -42.70 -2.33
N ASP A 169 14.13 -42.42 -1.23
CA ASP A 169 14.55 -43.42 -0.27
C ASP A 169 13.44 -43.63 0.77
N GLY A 170 13.72 -44.47 1.77
CA GLY A 170 12.81 -44.75 2.88
C GLY A 170 12.17 -43.49 3.46
N ASP A 171 10.99 -43.66 4.07
CA ASP A 171 10.22 -42.57 4.66
C ASP A 171 9.54 -41.77 3.54
N ASN A 172 10.14 -41.80 2.34
CA ASN A 172 9.59 -41.12 1.18
C ASN A 172 9.66 -42.08 -0.01
N LYS A 173 9.38 -43.35 0.25
CA LYS A 173 9.49 -44.36 -0.79
C LYS A 173 8.25 -44.30 -1.68
N TYR A 174 8.44 -44.67 -2.96
CA TYR A 174 7.43 -44.43 -3.99
C TYR A 174 6.46 -45.59 -4.11
N ASP A 175 5.15 -45.29 -4.07
CA ASP A 175 4.14 -46.32 -4.24
C ASP A 175 3.95 -46.59 -5.74
N ALA A 176 4.40 -47.77 -6.17
CA ALA A 176 4.26 -48.22 -7.54
C ALA A 176 3.06 -49.16 -7.69
N GLY A 177 2.26 -49.32 -6.63
CA GLY A 177 1.06 -50.16 -6.68
C GLY A 177 1.39 -51.65 -6.76
N GLU A 178 1.57 -52.16 -8.00
CA GLU A 178 1.87 -53.56 -8.24
C GLU A 178 3.21 -54.01 -7.65
N HIS A 179 4.15 -53.07 -7.47
CA HIS A 179 5.49 -53.41 -7.00
C HIS A 179 5.77 -52.83 -5.62
N GLY A 180 4.72 -52.42 -4.88
CA GLY A 180 4.86 -51.96 -3.51
C GLY A 180 5.72 -50.71 -3.36
N LEU A 181 6.24 -50.46 -2.15
CA LEU A 181 7.07 -49.28 -1.89
C LEU A 181 8.42 -49.48 -2.58
N GLN A 182 9.05 -48.37 -2.98
CA GLN A 182 10.23 -48.44 -3.85
C GLN A 182 11.19 -47.27 -3.61
N GLU A 183 12.47 -47.57 -3.90
CA GLU A 183 13.50 -46.57 -4.05
C GLU A 183 13.48 -46.13 -5.52
N ALA A 184 13.28 -44.82 -5.74
CA ALA A 184 13.09 -44.31 -7.09
C ALA A 184 13.68 -42.90 -7.22
N GLU A 185 13.76 -42.43 -8.46
CA GLU A 185 14.27 -41.11 -8.78
C GLU A 185 13.22 -40.29 -9.54
N LYS A 186 12.80 -39.15 -8.97
CA LYS A 186 11.96 -38.25 -9.74
C LYS A 186 12.81 -37.10 -10.29
N GLY A 187 12.48 -36.70 -11.54
CA GLY A 187 13.06 -35.51 -12.13
C GLY A 187 12.05 -34.77 -13.01
N VAL A 188 12.56 -33.71 -13.66
CA VAL A 188 11.84 -32.89 -14.61
C VAL A 188 12.76 -32.59 -15.78
N LYS A 189 12.27 -32.62 -17.02
CA LYS A 189 13.09 -32.18 -18.13
C LYS A 189 12.32 -31.42 -19.21
N PHE A 190 13.03 -30.45 -19.81
CA PHE A 190 12.41 -29.52 -20.73
C PHE A 190 12.30 -30.13 -22.11
N LEU A 191 11.08 -30.11 -22.66
CA LEU A 191 10.88 -30.48 -24.05
C LEU A 191 11.12 -29.28 -24.96
N THR A 192 10.50 -28.12 -24.66
CA THR A 192 10.66 -26.93 -25.48
C THR A 192 10.45 -25.69 -24.62
N LEU A 193 11.17 -24.61 -24.95
CA LEU A 193 11.10 -23.34 -24.26
C LEU A 193 10.36 -22.33 -25.12
N PRO A 194 9.56 -21.40 -24.54
CA PRO A 194 8.68 -20.56 -25.35
C PRO A 194 9.44 -19.45 -26.05
N PRO A 195 8.84 -18.80 -27.05
CA PRO A 195 9.39 -17.54 -27.54
C PRO A 195 9.60 -16.55 -26.39
N VAL A 196 8.66 -16.48 -25.43
CA VAL A 196 8.75 -15.48 -24.38
C VAL A 196 8.79 -16.15 -23.02
N LEU A 197 9.95 -16.02 -22.35
CA LEU A 197 10.29 -16.82 -21.19
C LEU A 197 10.10 -15.97 -19.92
N HIS A 198 9.06 -16.28 -19.15
CA HIS A 198 8.82 -15.65 -17.85
C HIS A 198 9.40 -16.50 -16.70
N LEU A 199 10.37 -15.94 -15.96
CA LEU A 199 10.97 -16.66 -14.84
C LEU A 199 10.79 -15.91 -13.53
N GLN A 200 10.17 -16.56 -12.54
CA GLN A 200 10.05 -15.98 -11.20
C GLN A 200 11.15 -16.50 -10.29
N LEU A 201 11.74 -15.59 -9.51
CA LEU A 201 12.76 -15.93 -8.53
C LEU A 201 12.13 -16.12 -7.15
N MET A 202 12.36 -17.30 -6.55
CA MET A 202 11.74 -17.64 -5.27
C MET A 202 12.47 -16.93 -4.13
N ARG A 203 12.05 -15.68 -3.87
CA ARG A 203 12.66 -14.83 -2.86
C ARG A 203 11.75 -14.70 -1.65
N PHE A 204 10.49 -15.12 -1.74
CA PHE A 204 9.58 -15.02 -0.62
C PHE A 204 9.36 -16.43 -0.07
N MET A 205 9.93 -16.70 1.11
CA MET A 205 9.92 -18.04 1.68
C MET A 205 9.62 -17.93 3.16
N TYR A 206 9.22 -19.06 3.78
CA TYR A 206 8.72 -19.10 5.16
C TYR A 206 9.81 -19.50 6.15
N ASP A 207 9.62 -19.13 7.43
CA ASP A 207 10.49 -19.49 8.54
C ASP A 207 9.64 -19.46 9.81
N PRO A 208 10.12 -19.91 11.01
CA PRO A 208 9.38 -19.76 12.26
C PRO A 208 8.39 -18.59 12.27
N GLN A 209 7.10 -18.90 12.05
CA GLN A 209 6.05 -17.91 12.07
C GLN A 209 4.72 -18.60 12.42
N ASN A 213 6.67 -15.97 6.47
CA ASN A 213 7.23 -15.78 5.10
C ASN A 213 8.14 -14.55 5.11
N ILE A 214 9.25 -14.60 4.36
CA ILE A 214 10.27 -13.54 4.41
C ILE A 214 10.99 -13.43 3.06
N LYS A 215 11.57 -12.26 2.78
CA LYS A 215 12.30 -11.99 1.55
C LYS A 215 13.80 -12.22 1.72
N ILE A 216 14.41 -13.01 0.83
CA ILE A 216 15.84 -13.29 0.87
C ILE A 216 16.59 -12.28 -0.02
N ASN A 217 17.31 -11.33 0.58
CA ASN A 217 17.98 -10.31 -0.22
C ASN A 217 19.37 -10.77 -0.72
N ASP A 218 19.56 -12.08 -0.89
CA ASP A 218 20.87 -12.63 -1.23
C ASP A 218 21.26 -12.36 -2.68
N ARG A 219 22.55 -12.16 -2.93
CA ARG A 219 23.08 -11.91 -4.26
C ARG A 219 22.77 -13.04 -5.27
N PHE A 220 21.97 -12.71 -6.29
CA PHE A 220 21.68 -13.63 -7.40
C PHE A 220 22.02 -12.94 -8.71
N GLU A 221 22.59 -13.71 -9.64
CA GLU A 221 23.10 -13.13 -10.87
C GLU A 221 22.28 -13.62 -12.06
N PHE A 222 22.13 -12.74 -13.05
CA PHE A 222 21.60 -13.16 -14.33
C PHE A 222 22.37 -12.46 -15.46
N PRO A 223 22.49 -13.12 -16.63
CA PRO A 223 23.19 -12.52 -17.76
C PRO A 223 22.26 -11.71 -18.68
N GLU A 224 22.87 -10.89 -19.53
CA GLU A 224 22.16 -10.32 -20.66
C GLU A 224 21.72 -11.42 -21.64
N GLN A 225 22.58 -12.42 -21.87
CA GLN A 225 22.25 -13.50 -22.81
C GLN A 225 22.35 -14.87 -22.16
N LEU A 226 21.42 -15.76 -22.53
CA LEU A 226 21.14 -16.95 -21.74
C LEU A 226 20.89 -18.16 -22.64
N PRO A 227 21.92 -19.04 -22.76
CA PRO A 227 21.83 -20.28 -23.53
C PRO A 227 21.31 -21.49 -22.76
N LEU A 228 20.26 -22.12 -23.28
CA LEU A 228 19.60 -23.17 -22.53
C LEU A 228 19.61 -24.51 -23.28
N ASP A 229 20.43 -24.65 -24.32
CA ASP A 229 20.50 -25.92 -25.03
C ASP A 229 20.98 -27.03 -24.09
N GLU A 230 21.90 -26.67 -23.19
CA GLU A 230 22.34 -27.50 -22.08
C GLU A 230 21.14 -28.24 -21.45
N PHE A 231 20.04 -27.52 -21.21
CA PHE A 231 18.90 -28.07 -20.46
C PHE A 231 17.83 -28.69 -21.37
N LEU A 232 17.95 -28.48 -22.69
CA LEU A 232 17.04 -29.14 -23.60
C LEU A 232 17.47 -30.60 -23.68
N GLN A 233 16.48 -31.49 -23.69
CA GLN A 233 16.69 -32.93 -23.78
C GLN A 233 17.12 -33.31 -25.18
N LYS A 234 16.80 -32.45 -26.16
CA LYS A 234 17.21 -32.68 -27.54
C LYS A 234 17.17 -31.35 -28.28
N THR A 235 18.33 -30.92 -28.80
CA THR A 235 18.49 -29.59 -29.37
C THR A 235 18.26 -29.61 -30.88
N ASP A 236 18.33 -28.41 -31.45
CA ASP A 236 18.13 -28.20 -32.87
C ASP A 236 19.26 -27.30 -33.39
N PRO A 237 19.95 -27.69 -34.48
CA PRO A 237 21.00 -26.85 -35.06
C PRO A 237 20.54 -25.51 -35.62
N LYS A 238 19.27 -25.42 -36.05
CA LYS A 238 18.77 -24.24 -36.74
C LYS A 238 18.11 -23.24 -35.77
N ASP A 239 17.43 -23.72 -34.71
CA ASP A 239 16.85 -22.81 -33.71
C ASP A 239 17.34 -23.17 -32.31
N PRO A 240 18.54 -22.70 -31.92
CA PRO A 240 19.07 -22.97 -30.58
C PRO A 240 18.51 -22.01 -29.53
N ALA A 241 18.43 -22.49 -28.28
CA ALA A 241 17.70 -21.79 -27.23
C ALA A 241 18.56 -20.74 -26.51
N ASN A 242 18.95 -19.66 -27.22
CA ASN A 242 19.57 -18.50 -26.59
C ASN A 242 18.56 -17.36 -26.47
N TYR A 243 18.70 -16.56 -25.40
CA TYR A 243 17.64 -15.68 -24.94
C TYR A 243 18.20 -14.33 -24.52
N ILE A 244 17.40 -13.28 -24.74
CA ILE A 244 17.84 -11.90 -24.62
C ILE A 244 17.01 -11.24 -23.52
N LEU A 245 17.69 -10.75 -22.49
CA LEU A 245 17.00 -10.07 -21.40
C LEU A 245 16.20 -8.88 -21.93
N HIS A 246 14.87 -9.00 -21.84
CA HIS A 246 13.96 -7.94 -22.21
C HIS A 246 13.55 -7.10 -20.99
N ALA A 247 13.13 -7.75 -19.90
CA ALA A 247 12.57 -7.04 -18.74
C ALA A 247 13.13 -7.52 -17.40
N VAL A 248 13.17 -6.64 -16.39
CA VAL A 248 13.68 -7.02 -15.09
C VAL A 248 12.82 -6.35 -14.01
N LEU A 249 12.00 -7.16 -13.32
CA LEU A 249 11.09 -6.67 -12.30
C LEU A 249 11.83 -6.56 -10.95
N VAL A 250 11.74 -5.40 -10.31
CA VAL A 250 12.55 -5.15 -9.13
C VAL A 250 11.71 -4.72 -7.94
N HIS A 251 11.98 -5.30 -6.78
CA HIS A 251 11.48 -4.82 -5.50
C HIS A 251 12.64 -4.45 -4.59
N SER A 252 12.40 -3.43 -3.75
CA SER A 252 13.37 -3.00 -2.74
C SER A 252 12.64 -2.79 -1.42
N GLY A 253 13.12 -3.41 -0.34
CA GLY A 253 12.58 -3.15 1.00
C GLY A 253 12.03 -4.42 1.65
N ASP A 254 10.85 -4.28 2.30
CA ASP A 254 10.25 -5.35 3.09
C ASP A 254 8.85 -4.93 3.54
N ASN A 255 8.61 -4.89 4.86
CA ASN A 255 7.33 -4.53 5.45
C ASN A 255 6.32 -5.65 5.18
N GLY A 258 7.54 -1.96 -0.09
CA GLY A 258 8.60 -0.95 -0.27
C GLY A 258 8.33 -0.17 -1.55
N HIS A 259 9.05 -0.55 -2.63
CA HIS A 259 8.87 0.09 -3.92
C HIS A 259 9.12 -0.91 -5.04
N TYR A 260 8.24 -0.92 -6.06
CA TYR A 260 8.35 -1.83 -7.19
C TYR A 260 8.57 -1.09 -8.53
N VAL A 261 9.71 -1.36 -9.15
CA VAL A 261 10.06 -0.72 -10.41
C VAL A 261 10.35 -1.82 -11.42
N VAL A 262 10.33 -1.46 -12.72
CA VAL A 262 10.77 -2.36 -13.76
C VAL A 262 11.73 -1.64 -14.69
N TYR A 263 12.71 -2.40 -15.17
CA TYR A 263 13.67 -1.94 -16.14
C TYR A 263 13.45 -2.69 -17.44
N LEU A 264 13.37 -1.98 -18.57
CA LEU A 264 13.10 -2.61 -19.85
C LEU A 264 14.07 -2.09 -20.89
N ASN A 265 14.18 -2.85 -21.97
CA ASN A 265 14.77 -2.35 -23.19
C ASN A 265 13.79 -2.73 -24.29
N PRO A 266 12.72 -1.91 -24.45
CA PRO A 266 11.53 -2.28 -25.20
C PRO A 266 11.81 -2.81 -26.60
N LYS A 267 12.60 -2.06 -27.37
CA LYS A 267 12.86 -2.43 -28.75
C LYS A 267 13.77 -3.66 -28.83
N GLY A 268 14.54 -3.95 -27.79
CA GLY A 268 15.36 -5.15 -27.79
C GLY A 268 16.85 -4.83 -27.99
N ASP A 269 17.13 -3.57 -28.30
CA ASP A 269 18.44 -3.16 -28.79
C ASP A 269 19.47 -2.97 -27.67
N GLY A 270 19.09 -3.18 -26.41
CA GLY A 270 20.01 -2.93 -25.31
C GLY A 270 20.05 -1.46 -24.93
N LYS A 271 18.94 -0.75 -25.21
CA LYS A 271 18.75 0.60 -24.71
C LYS A 271 17.75 0.56 -23.56
N TRP A 272 18.22 0.81 -22.32
CA TRP A 272 17.43 0.58 -21.13
C TRP A 272 16.68 1.82 -20.59
N CYS A 273 15.53 1.52 -19.96
CA CYS A 273 14.70 2.52 -19.33
C CYS A 273 14.16 2.00 -18.01
N LYS A 274 14.22 2.86 -16.99
CA LYS A 274 13.64 2.62 -15.68
C LYS A 274 12.21 3.15 -15.66
N PHE A 275 11.24 2.26 -15.37
CA PHE A 275 9.83 2.64 -15.32
C PHE A 275 9.28 2.72 -13.89
N ASP A 276 9.34 3.91 -13.27
CA ASP A 276 8.82 4.13 -11.92
C ASP A 276 7.48 4.86 -11.97
N ASP A 277 6.38 4.10 -11.96
CA ASP A 277 5.03 4.66 -12.01
C ASP A 277 4.93 5.75 -13.11
N ASP A 278 4.94 7.04 -12.73
CA ASP A 278 4.70 8.14 -13.67
C ASP A 278 5.99 8.65 -14.31
N VAL A 279 7.12 8.24 -13.75
CA VAL A 279 8.43 8.72 -14.18
C VAL A 279 9.16 7.61 -14.93
N VAL A 280 9.35 7.80 -16.23
CA VAL A 280 10.16 6.94 -17.07
C VAL A 280 11.41 7.74 -17.47
N SER A 281 12.60 7.16 -17.24
CA SER A 281 13.87 7.83 -17.49
C SER A 281 14.85 6.83 -18.10
N ARG A 282 15.78 7.32 -18.96
CA ARG A 282 16.80 6.44 -19.51
C ARG A 282 17.75 6.04 -18.38
N CYS A 283 18.34 4.84 -18.48
CA CYS A 283 19.24 4.32 -17.48
C CYS A 283 20.34 3.50 -18.16
N THR A 284 21.42 3.18 -17.41
CA THR A 284 22.51 2.31 -17.89
C THR A 284 22.10 0.85 -17.80
N LYS A 285 22.82 0.02 -18.55
CA LYS A 285 22.68 -1.42 -18.50
C LYS A 285 23.08 -1.98 -17.13
N GLU A 286 24.08 -1.34 -16.51
CA GLU A 286 24.56 -1.72 -15.18
C GLU A 286 23.44 -1.52 -14.18
N GLU A 287 22.70 -0.42 -14.36
CA GLU A 287 21.63 -0.11 -13.43
C GLU A 287 20.47 -1.09 -13.55
N ALA A 288 20.36 -1.79 -14.68
CA ALA A 288 19.22 -2.67 -14.89
C ALA A 288 19.56 -4.12 -14.57
N ILE A 289 20.83 -4.49 -14.76
CA ILE A 289 21.25 -5.88 -14.60
C ILE A 289 21.97 -6.04 -13.26
N GLU A 290 23.30 -5.87 -13.29
CA GLU A 290 24.13 -6.06 -12.10
C GLU A 290 23.54 -5.36 -10.89
N HIS A 291 23.17 -4.09 -11.02
CA HIS A 291 22.74 -3.31 -9.86
C HIS A 291 21.50 -3.92 -9.19
N ASN A 292 20.83 -4.90 -9.83
CA ASN A 292 19.68 -5.56 -9.22
C ASN A 292 19.97 -7.04 -8.96
N TYR A 293 21.25 -7.33 -8.65
CA TYR A 293 21.72 -8.65 -8.27
C TYR A 293 21.58 -8.96 -6.78
N GLY A 294 21.70 -7.95 -5.90
CA GLY A 294 21.47 -8.12 -4.46
C GLY A 294 22.74 -8.22 -3.61
N THR A 306 18.20 -3.51 -3.22
CA THR A 306 17.24 -3.59 -4.34
C THR A 306 17.66 -4.73 -5.26
N ASN A 307 16.68 -5.50 -5.75
CA ASN A 307 16.96 -6.73 -6.47
C ASN A 307 15.72 -7.19 -7.26
N ALA A 308 15.94 -8.20 -8.10
CA ALA A 308 14.92 -8.65 -9.03
C ALA A 308 14.15 -9.86 -8.48
N TYR A 309 12.85 -9.95 -8.82
CA TYR A 309 11.98 -11.07 -8.45
C TYR A 309 11.43 -11.76 -9.72
N MET A 310 11.37 -11.04 -10.83
CA MET A 310 10.93 -11.64 -12.07
C MET A 310 11.82 -11.17 -13.20
N LEU A 311 12.03 -12.08 -14.17
CA LEU A 311 12.85 -11.78 -15.34
C LEU A 311 12.13 -12.19 -16.61
N VAL A 312 12.23 -11.35 -17.64
CA VAL A 312 11.69 -11.73 -18.93
C VAL A 312 12.79 -11.82 -19.98
N TYR A 313 12.84 -13.00 -20.62
CA TYR A 313 13.76 -13.24 -21.72
C TYR A 313 12.98 -13.59 -22.99
N ILE A 314 13.47 -13.08 -24.13
CA ILE A 314 12.96 -13.42 -25.45
C ILE A 314 14.02 -14.23 -26.22
N ARG A 315 13.58 -15.09 -27.15
CA ARG A 315 14.45 -15.97 -27.92
C ARG A 315 14.96 -15.29 -29.19
N GLU A 316 16.29 -15.25 -29.38
CA GLU A 316 16.93 -14.46 -30.42
C GLU A 316 16.23 -14.64 -31.78
N SER A 317 15.80 -15.85 -32.09
CA SER A 317 15.19 -16.09 -33.38
C SER A 317 13.77 -15.53 -33.49
N LYS A 318 13.12 -15.17 -32.35
CA LYS A 318 11.75 -14.64 -32.37
C LYS A 318 11.69 -13.15 -32.02
N LEU A 319 12.83 -12.56 -31.67
CA LEU A 319 12.99 -11.15 -31.29
C LEU A 319 12.26 -10.15 -32.19
N SER A 320 12.31 -10.35 -33.51
CA SER A 320 11.84 -9.34 -34.46
C SER A 320 10.32 -9.41 -34.60
N GLU A 321 9.82 -10.63 -34.51
CA GLU A 321 8.40 -10.92 -34.63
C GLU A 321 7.71 -10.46 -33.34
N VAL A 322 8.28 -10.88 -32.19
CA VAL A 322 7.66 -10.60 -30.91
C VAL A 322 7.57 -9.09 -30.73
N LEU A 323 8.70 -8.42 -31.00
CA LEU A 323 8.79 -6.97 -30.82
C LEU A 323 8.47 -6.20 -32.10
N GLN A 324 7.77 -6.81 -33.06
CA GLN A 324 7.32 -6.10 -34.25
C GLN A 324 6.71 -4.75 -33.87
N ALA A 325 6.89 -3.79 -34.77
CA ALA A 325 6.50 -2.42 -34.48
C ALA A 325 4.98 -2.32 -34.57
N VAL A 326 4.44 -1.33 -33.86
CA VAL A 326 3.01 -1.08 -33.82
C VAL A 326 2.76 0.40 -34.12
N THR A 327 1.86 0.63 -35.09
CA THR A 327 1.52 1.95 -35.60
C THR A 327 0.29 2.38 -34.82
N ASP A 328 -0.13 3.65 -34.97
CA ASP A 328 -1.38 4.10 -34.37
C ASP A 328 -2.56 3.57 -35.19
N HIS A 329 -2.27 3.10 -36.41
CA HIS A 329 -3.28 2.57 -37.32
C HIS A 329 -3.64 1.12 -36.99
N ASP A 330 -2.81 0.43 -36.19
CA ASP A 330 -3.00 -0.98 -35.87
C ASP A 330 -4.13 -1.20 -34.87
N ILE A 331 -4.69 -0.13 -34.33
CA ILE A 331 -5.92 -0.23 -33.56
C ILE A 331 -7.09 -0.07 -34.53
N PRO A 332 -8.14 -0.91 -34.41
CA PRO A 332 -9.38 -0.75 -35.18
C PRO A 332 -10.14 0.53 -34.86
N GLN A 333 -11.18 0.81 -35.66
CA GLN A 333 -11.89 2.07 -35.59
C GLN A 333 -12.98 2.03 -34.52
N GLN A 334 -13.76 0.93 -34.48
CA GLN A 334 -14.83 0.85 -33.50
C GLN A 334 -14.20 1.07 -32.13
N LEU A 335 -13.12 0.31 -31.89
CA LEU A 335 -12.39 0.37 -30.64
C LEU A 335 -12.05 1.83 -30.29
N VAL A 336 -11.24 2.49 -31.15
CA VAL A 336 -10.81 3.87 -30.97
C VAL A 336 -11.97 4.78 -30.60
N GLU A 337 -13.07 4.73 -31.37
CA GLU A 337 -14.22 5.60 -31.16
C GLU A 337 -14.82 5.36 -29.77
N ARG A 338 -15.01 4.08 -29.43
CA ARG A 338 -15.67 3.74 -28.17
C ARG A 338 -14.92 4.36 -27.01
N LEU A 339 -13.58 4.40 -27.13
CA LEU A 339 -12.72 4.95 -26.10
C LEU A 339 -12.83 6.47 -26.03
N GLN A 340 -12.72 7.13 -27.20
CA GLN A 340 -12.79 8.59 -27.26
C GLN A 340 -14.00 9.08 -26.47
N GLU A 341 -15.13 8.37 -26.60
CA GLU A 341 -16.39 8.79 -26.02
C GLU A 341 -16.37 8.57 -24.51
N GLU A 342 -15.69 7.50 -24.09
CA GLU A 342 -15.50 7.18 -22.68
C GLU A 342 -14.75 8.30 -21.97
N LYS A 343 -13.77 8.91 -22.65
CA LYS A 343 -12.98 10.01 -22.11
C LYS A 343 -13.87 11.25 -21.91
N ARG A 344 -14.66 11.59 -22.94
CA ARG A 344 -15.45 12.81 -22.93
C ARG A 344 -16.21 12.94 -21.62
N ILE A 345 -17.03 11.93 -21.31
CA ILE A 345 -17.91 11.97 -20.15
C ILE A 345 -17.08 11.62 -18.90
N HIS B 5 12.41 -4.67 23.79
CA HIS B 5 13.20 -3.94 24.82
C HIS B 5 12.51 -2.67 25.30
N THR B 6 11.16 -2.65 25.27
CA THR B 6 10.37 -1.44 25.50
C THR B 6 9.11 -1.71 26.35
N GLY B 7 8.65 -2.98 26.41
CA GLY B 7 7.44 -3.34 27.14
C GLY B 7 6.16 -2.97 26.39
N TYR B 8 6.32 -2.42 25.18
CA TYR B 8 5.20 -2.02 24.32
C TYR B 8 5.19 -2.92 23.09
N VAL B 9 3.98 -3.19 22.57
CA VAL B 9 3.80 -4.17 21.51
C VAL B 9 3.23 -3.49 20.24
N GLY B 10 3.56 -4.05 19.07
CA GLY B 10 3.25 -3.43 17.78
C GLY B 10 1.91 -3.89 17.21
N LEU B 11 1.45 -3.26 16.12
CA LEU B 11 0.26 -3.69 15.39
C LEU B 11 0.69 -4.45 14.12
N LYS B 12 -0.10 -5.44 13.70
CA LYS B 12 0.26 -6.19 12.50
C LYS B 12 -0.01 -5.34 11.27
N ASN B 13 0.85 -5.47 10.25
CA ASN B 13 0.59 -4.91 8.93
C ASN B 13 -0.34 -5.89 8.21
N GLN B 14 -1.60 -5.48 8.03
CA GLN B 14 -2.63 -6.36 7.53
C GLN B 14 -3.30 -5.72 6.31
N GLY B 15 -2.47 -5.25 5.38
CA GLY B 15 -2.97 -4.54 4.23
C GLY B 15 -2.58 -3.06 4.29
N ALA B 16 -3.24 -2.29 3.43
CA ALA B 16 -2.91 -0.89 3.20
C ALA B 16 -3.88 -0.02 4.00
N THR B 17 -3.85 -0.22 5.33
CA THR B 17 -4.63 0.57 6.27
C THR B 17 -3.98 1.93 6.51
N CYS B 18 -2.81 2.20 5.90
CA CYS B 18 -2.21 3.52 5.88
C CYS B 18 -1.99 3.97 7.32
N TYR B 19 -2.75 5.00 7.77
CA TYR B 19 -2.49 5.74 9.00
C TYR B 19 -3.14 5.13 10.24
N MET B 20 -3.88 4.02 10.07
CA MET B 20 -4.73 3.44 11.10
C MET B 20 -3.87 2.95 12.27
N ASN B 21 -2.82 2.18 11.97
CA ASN B 21 -1.91 1.70 13.01
C ASN B 21 -1.29 2.84 13.84
N SER B 22 -0.85 3.93 13.17
CA SER B 22 -0.28 5.09 13.83
C SER B 22 -1.31 5.82 14.71
N LEU B 23 -2.59 5.83 14.29
CA LEU B 23 -3.66 6.50 15.05
C LEU B 23 -3.98 5.67 16.29
N LEU B 24 -4.03 4.36 16.07
CA LEU B 24 -4.45 3.45 17.12
C LEU B 24 -3.50 3.50 18.33
N GLN B 25 -2.18 3.52 18.13
CA GLN B 25 -1.27 3.69 19.25
C GLN B 25 -1.54 5.06 19.90
N THR B 26 -1.70 6.06 19.05
CA THR B 26 -1.73 7.42 19.57
C THR B 26 -2.89 7.53 20.56
N LEU B 27 -4.08 7.07 20.16
CA LEU B 27 -5.21 7.05 21.06
C LEU B 27 -4.95 6.12 22.23
N PHE B 28 -4.32 4.97 21.95
CA PHE B 28 -3.98 4.02 22.98
C PHE B 28 -3.23 4.70 24.12
N PHE B 29 -2.17 5.46 23.79
CA PHE B 29 -1.34 6.11 24.80
C PHE B 29 -1.92 7.44 25.34
N THR B 30 -3.14 7.79 24.95
CA THR B 30 -3.93 8.78 25.66
C THR B 30 -4.66 8.07 26.80
N ASN B 31 -3.91 7.81 27.88
CA ASN B 31 -4.34 6.93 28.95
C ASN B 31 -5.73 7.24 29.50
N GLN B 32 -6.12 8.50 29.59
CA GLN B 32 -7.44 8.79 30.10
C GLN B 32 -8.53 8.22 29.17
N LEU B 33 -8.29 8.27 27.86
CA LEU B 33 -9.21 7.76 26.85
C LEU B 33 -9.39 6.26 27.11
N ARG B 34 -8.25 5.56 27.19
CA ARG B 34 -8.23 4.13 27.38
C ARG B 34 -9.08 3.73 28.59
N LYS B 35 -8.84 4.36 29.75
CA LYS B 35 -9.56 3.97 30.97
C LYS B 35 -11.04 4.05 30.69
N ALA B 36 -11.49 5.15 30.11
CA ALA B 36 -12.91 5.33 29.82
C ALA B 36 -13.38 4.34 28.77
N VAL B 37 -12.59 4.09 27.70
CA VAL B 37 -12.97 3.10 26.71
C VAL B 37 -13.31 1.78 27.42
N TYR B 38 -12.45 1.33 28.33
CA TYR B 38 -12.69 0.10 29.08
C TYR B 38 -14.02 0.11 29.86
N MET B 39 -14.62 1.26 30.18
CA MET B 39 -15.85 1.32 30.99
C MET B 39 -17.11 1.25 30.15
N MET B 40 -17.04 0.80 28.90
CA MET B 40 -18.21 0.94 28.07
C MET B 40 -19.11 -0.27 28.25
N PRO B 41 -20.43 -0.05 28.44
CA PRO B 41 -21.41 -1.14 28.56
C PRO B 41 -21.69 -1.91 27.26
N THR B 42 -20.71 -2.75 26.85
CA THR B 42 -20.76 -3.45 25.57
C THR B 42 -21.08 -4.93 25.80
N GLU B 43 -21.57 -5.27 27.01
CA GLU B 43 -22.11 -6.58 27.33
C GLU B 43 -23.11 -7.03 26.26
N GLY B 44 -24.06 -6.15 25.93
CA GLY B 44 -25.18 -6.47 25.06
C GLY B 44 -24.81 -6.41 23.57
N ASP B 45 -23.71 -5.70 23.25
CA ASP B 45 -23.32 -5.42 21.87
C ASP B 45 -22.90 -6.70 21.14
N ASP B 46 -23.27 -6.82 19.86
CA ASP B 46 -22.81 -7.92 19.03
C ASP B 46 -21.33 -7.73 18.70
N SER B 47 -20.64 -8.85 18.43
CA SER B 47 -19.20 -8.98 18.61
C SER B 47 -18.34 -8.41 17.46
N SER B 48 -18.87 -8.37 16.23
CA SER B 48 -18.06 -8.05 15.07
C SER B 48 -18.48 -6.75 14.39
N LYS B 49 -19.66 -6.21 14.75
CA LYS B 49 -20.18 -5.00 14.14
C LYS B 49 -20.33 -3.86 15.13
N SER B 50 -19.96 -4.08 16.40
CA SER B 50 -19.81 -3.00 17.36
C SER B 50 -18.40 -2.45 17.24
N VAL B 51 -18.30 -1.13 16.99
CA VAL B 51 -17.02 -0.44 16.94
C VAL B 51 -16.43 -0.34 18.33
N PRO B 52 -17.22 0.09 19.35
CA PRO B 52 -16.75 0.15 20.74
C PRO B 52 -16.13 -1.15 21.23
N LEU B 53 -16.87 -2.25 21.13
CA LEU B 53 -16.35 -3.57 21.42
C LEU B 53 -14.99 -3.75 20.73
N ALA B 54 -14.96 -3.60 19.40
CA ALA B 54 -13.72 -3.82 18.65
C ALA B 54 -12.60 -2.97 19.23
N LEU B 55 -12.89 -1.74 19.63
CA LEU B 55 -11.85 -0.85 20.12
C LEU B 55 -11.34 -1.37 21.47
N GLN B 56 -12.27 -1.78 22.34
CA GLN B 56 -11.90 -2.41 23.60
C GLN B 56 -10.99 -3.60 23.34
N ARG B 57 -11.22 -4.32 22.25
CA ARG B 57 -10.42 -5.49 21.91
C ARG B 57 -8.98 -5.07 21.62
N VAL B 58 -8.76 -4.05 20.78
CA VAL B 58 -7.40 -3.71 20.39
C VAL B 58 -6.63 -3.24 21.62
N PHE B 59 -7.32 -2.43 22.40
CA PHE B 59 -6.77 -1.84 23.60
C PHE B 59 -6.24 -2.96 24.48
N TYR B 60 -7.13 -3.88 24.87
CA TYR B 60 -6.79 -4.99 25.74
C TYR B 60 -5.57 -5.73 25.23
N GLU B 61 -5.60 -6.10 23.94
CA GLU B 61 -4.47 -6.76 23.30
C GLU B 61 -3.20 -5.92 23.31
N LEU B 62 -3.31 -4.59 23.12
CA LEU B 62 -2.11 -3.76 23.14
C LEU B 62 -1.51 -3.73 24.55
N GLN B 63 -2.39 -3.79 25.56
CA GLN B 63 -1.94 -3.73 26.93
C GLN B 63 -1.31 -5.05 27.39
N HIS B 64 -1.88 -6.20 27.00
CA HIS B 64 -1.43 -7.48 27.54
C HIS B 64 -0.55 -8.29 26.59
N SER B 65 -0.90 -8.34 25.28
CA SER B 65 -0.21 -9.18 24.31
C SER B 65 1.30 -9.02 24.37
N ASP B 66 2.01 -10.16 24.28
CA ASP B 66 3.46 -10.20 24.16
C ASP B 66 3.90 -10.33 22.70
N LYS B 67 2.93 -10.39 21.78
CA LYS B 67 3.18 -10.59 20.36
C LYS B 67 2.38 -9.58 19.54
N PRO B 68 2.75 -9.33 18.25
CA PRO B 68 2.13 -8.25 17.48
C PRO B 68 0.60 -8.37 17.46
N VAL B 69 -0.10 -7.25 17.66
CA VAL B 69 -1.54 -7.29 17.75
C VAL B 69 -2.18 -7.06 16.36
N GLY B 70 -3.44 -7.46 16.21
CA GLY B 70 -4.12 -7.41 14.92
C GLY B 70 -5.44 -6.66 15.02
N THR B 71 -5.96 -6.23 13.86
CA THR B 71 -6.93 -5.13 13.77
C THR B 71 -8.13 -5.48 12.87
N LYS B 72 -8.23 -6.73 12.42
CA LYS B 72 -9.15 -7.07 11.35
C LYS B 72 -10.61 -6.84 11.75
N LYS B 73 -11.00 -7.27 12.96
CA LYS B 73 -12.37 -7.05 13.40
C LYS B 73 -12.70 -5.56 13.53
N LEU B 74 -11.69 -4.73 13.80
CA LEU B 74 -11.95 -3.29 13.92
C LEU B 74 -12.47 -2.77 12.58
N THR B 75 -11.68 -3.04 11.51
CA THR B 75 -11.94 -2.60 10.15
C THR B 75 -13.26 -3.13 9.59
N LYS B 76 -13.64 -4.34 9.98
CA LYS B 76 -14.98 -4.87 9.78
C LYS B 76 -16.01 -3.99 10.51
N SER B 77 -15.83 -3.81 11.83
CA SER B 77 -16.84 -3.14 12.63
C SER B 77 -17.20 -1.77 12.03
N PHE B 78 -16.26 -1.06 11.39
CA PHE B 78 -16.57 0.22 10.75
C PHE B 78 -16.41 0.21 9.23
N GLY B 79 -16.02 -0.94 8.65
CA GLY B 79 -16.38 -1.27 7.28
C GLY B 79 -15.65 -0.45 6.23
N TRP B 80 -14.38 -0.14 6.50
CA TRP B 80 -13.48 0.40 5.51
C TRP B 80 -12.67 -0.75 4.90
N GLU B 81 -13.30 -1.59 4.08
CA GLU B 81 -12.67 -2.87 3.76
C GLU B 81 -12.07 -2.92 2.36
N THR B 82 -12.17 -1.84 1.57
CA THR B 82 -11.56 -1.80 0.24
C THR B 82 -10.21 -1.08 0.30
N LEU B 83 -9.43 -1.23 -0.78
CA LEU B 83 -8.08 -0.65 -0.87
C LEU B 83 -8.14 0.84 -0.64
N ASP B 84 -8.98 1.47 -1.46
CA ASP B 84 -9.04 2.92 -1.55
C ASP B 84 -9.89 3.49 -0.42
N SER B 85 -10.16 2.73 0.64
CA SER B 85 -10.93 3.25 1.75
C SER B 85 -10.08 4.27 2.52
N PHE B 86 -8.88 3.87 2.91
CA PHE B 86 -8.01 4.72 3.68
C PHE B 86 -7.34 5.76 2.79
N MET B 87 -7.01 5.35 1.57
CA MET B 87 -6.30 6.21 0.62
C MET B 87 -7.18 7.40 0.23
N GLN B 88 -8.49 7.36 0.51
CA GLN B 88 -9.41 8.39 0.05
C GLN B 88 -9.95 9.19 1.22
N HIS B 89 -9.30 9.10 2.40
CA HIS B 89 -9.80 9.75 3.60
C HIS B 89 -8.65 10.37 4.39
N ASP B 90 -8.94 11.52 5.04
CA ASP B 90 -8.00 12.21 5.89
C ASP B 90 -8.03 11.52 7.25
N VAL B 91 -6.87 11.53 7.95
CA VAL B 91 -6.65 10.92 9.26
C VAL B 91 -7.63 11.42 10.33
N GLN B 92 -7.95 12.71 10.31
CA GLN B 92 -8.95 13.25 11.22
C GLN B 92 -10.32 12.66 10.93
N GLU B 93 -10.49 12.06 9.76
CA GLU B 93 -11.79 11.54 9.41
C GLU B 93 -11.88 10.16 10.08
N LEU B 94 -10.74 9.47 10.07
CA LEU B 94 -10.64 8.17 10.72
C LEU B 94 -10.88 8.44 12.19
N CYS B 95 -10.17 9.44 12.71
CA CYS B 95 -10.26 9.71 14.11
C CYS B 95 -11.72 9.96 14.45
N ARG B 96 -12.41 10.77 13.63
CA ARG B 96 -13.70 11.29 14.05
C ARG B 96 -14.74 10.18 14.01
N VAL B 97 -14.57 9.19 13.13
CA VAL B 97 -15.39 7.99 13.19
C VAL B 97 -15.22 7.30 14.53
N LEU B 98 -13.96 7.01 14.89
CA LEU B 98 -13.66 6.26 16.10
C LEU B 98 -14.19 6.96 17.35
N LEU B 99 -13.70 8.18 17.64
CA LEU B 99 -14.09 8.88 18.86
C LEU B 99 -15.60 9.12 18.87
N ASP B 100 -16.23 9.16 17.69
CA ASP B 100 -17.67 9.38 17.63
C ASP B 100 -18.41 8.21 18.27
N ASN B 101 -18.17 7.00 17.78
CA ASN B 101 -18.82 5.83 18.34
C ASN B 101 -18.77 5.87 19.87
N VAL B 102 -17.55 5.99 20.41
CA VAL B 102 -17.27 5.88 21.84
C VAL B 102 -17.92 7.04 22.60
N GLU B 103 -17.81 8.26 22.07
CA GLU B 103 -18.44 9.40 22.72
C GLU B 103 -19.89 9.07 23.03
N ASN B 104 -20.57 8.49 22.02
CA ASN B 104 -21.99 8.20 22.04
C ASN B 104 -22.28 6.94 22.86
N LYS B 105 -21.33 5.99 22.92
CA LYS B 105 -21.52 4.82 23.76
C LYS B 105 -21.53 5.21 25.24
N MET B 106 -20.79 6.28 25.59
CA MET B 106 -20.56 6.65 26.98
C MET B 106 -21.72 7.46 27.57
N LYS B 107 -22.81 7.65 26.81
CA LYS B 107 -23.95 8.41 27.30
C LYS B 107 -24.77 7.59 28.29
N GLY B 108 -25.20 8.26 29.37
CA GLY B 108 -25.89 7.59 30.46
C GLY B 108 -24.91 7.13 31.54
N THR B 109 -23.67 6.83 31.13
CA THR B 109 -22.65 6.31 32.03
C THR B 109 -22.11 7.40 32.95
N CYS B 110 -21.16 6.97 33.80
CA CYS B 110 -20.48 7.82 34.76
C CYS B 110 -19.40 8.64 34.05
N VAL B 111 -18.96 8.11 32.90
CA VAL B 111 -17.80 8.60 32.17
C VAL B 111 -18.26 9.36 30.91
N GLU B 112 -19.54 9.76 30.90
CA GLU B 112 -20.10 10.59 29.85
C GLU B 112 -19.31 11.89 29.70
N GLY B 113 -18.95 12.20 28.45
CA GLY B 113 -18.37 13.50 28.12
C GLY B 113 -16.86 13.55 28.32
N THR B 114 -16.22 12.37 28.41
CA THR B 114 -14.77 12.26 28.48
C THR B 114 -14.11 12.84 27.22
N ILE B 115 -14.63 12.40 26.05
CA ILE B 115 -14.08 12.72 24.74
C ILE B 115 -14.04 14.24 24.55
N PRO B 116 -15.18 14.94 24.73
CA PRO B 116 -15.20 16.40 24.66
C PRO B 116 -14.22 17.03 25.63
N LYS B 117 -14.14 16.48 26.84
CA LYS B 117 -13.32 17.04 27.90
C LYS B 117 -11.84 17.00 27.47
N LEU B 118 -11.42 15.95 26.75
CA LEU B 118 -10.04 15.85 26.31
C LEU B 118 -9.75 16.53 24.97
N PHE B 119 -10.70 16.57 24.02
CA PHE B 119 -10.35 16.92 22.64
C PHE B 119 -11.05 18.18 22.11
N ARG B 120 -12.09 18.67 22.79
CA ARG B 120 -12.99 19.63 22.18
C ARG B 120 -12.65 21.04 22.64
N GLY B 121 -12.33 21.93 21.70
CA GLY B 121 -12.09 23.33 22.02
C GLY B 121 -13.16 24.24 21.41
N LYS B 122 -13.10 25.51 21.81
CA LYS B 122 -14.05 26.51 21.32
C LYS B 122 -13.30 27.60 20.55
N MET B 123 -14.04 28.25 19.68
CA MET B 123 -13.49 29.10 18.66
C MET B 123 -14.62 30.02 18.22
N VAL B 124 -14.29 31.29 17.95
CA VAL B 124 -15.25 32.24 17.40
C VAL B 124 -14.85 32.64 15.98
N SER B 125 -15.80 32.53 15.04
CA SER B 125 -15.71 33.13 13.73
C SER B 125 -16.38 34.50 13.76
N TYR B 126 -15.67 35.54 13.29
CA TYR B 126 -16.24 36.88 13.17
C TYR B 126 -16.12 37.45 11.75
N ILE B 127 -17.21 38.11 11.33
CA ILE B 127 -17.24 38.90 10.11
C ILE B 127 -17.50 40.33 10.54
N GLN B 128 -16.58 41.25 10.21
CA GLN B 128 -16.73 42.65 10.60
C GLN B 128 -16.89 43.51 9.35
N CYS B 129 -17.96 44.32 9.31
CA CYS B 129 -18.25 45.14 8.13
C CYS B 129 -17.30 46.33 8.08
N LYS B 130 -16.80 46.65 6.88
CA LYS B 130 -15.87 47.74 6.67
C LYS B 130 -16.46 49.08 7.17
N GLU B 131 -17.31 49.72 6.35
CA GLU B 131 -17.63 51.14 6.53
C GLU B 131 -18.99 51.37 7.20
N VAL B 132 -19.79 50.31 7.40
CA VAL B 132 -20.97 50.40 8.25
C VAL B 132 -20.80 49.38 9.38
N ASP B 133 -21.47 49.59 10.53
CA ASP B 133 -21.21 48.76 11.71
C ASP B 133 -22.30 47.70 11.93
N TYR B 134 -22.09 46.57 11.25
CA TYR B 134 -22.69 45.28 11.54
C TYR B 134 -21.54 44.39 11.94
N ARG B 135 -21.62 43.81 13.14
CA ARG B 135 -20.67 42.79 13.53
C ARG B 135 -21.42 41.48 13.80
N SER B 136 -20.84 40.35 13.32
CA SER B 136 -21.46 39.04 13.52
C SER B 136 -20.46 38.02 14.08
N ASP B 137 -20.51 37.79 15.40
CA ASP B 137 -19.65 36.83 16.05
C ASP B 137 -20.45 35.56 16.30
N ARG B 138 -19.79 34.39 16.17
CA ARG B 138 -20.45 33.11 16.44
C ARG B 138 -19.44 32.05 16.92
N ARG B 139 -19.87 31.28 17.92
CA ARG B 139 -19.06 30.20 18.49
C ARG B 139 -19.09 29.00 17.55
N GLU B 140 -17.97 28.29 17.49
CA GLU B 140 -17.90 27.02 16.81
C GLU B 140 -17.06 26.09 17.68
N ASP B 141 -17.36 24.80 17.63
CA ASP B 141 -16.53 23.81 18.30
C ASP B 141 -15.65 23.12 17.27
N TYR B 142 -14.45 22.78 17.72
CA TYR B 142 -13.58 21.93 16.93
C TYR B 142 -13.14 20.76 17.80
N TYR B 143 -12.73 19.68 17.14
CA TYR B 143 -12.06 18.59 17.82
C TYR B 143 -10.66 18.35 17.29
N ASP B 144 -10.25 19.14 16.29
CA ASP B 144 -8.93 19.06 15.71
C ASP B 144 -8.73 20.30 14.85
N ILE B 145 -7.51 20.44 14.32
CA ILE B 145 -7.19 21.59 13.49
C ILE B 145 -6.25 21.22 12.34
N GLN B 146 -6.46 21.90 11.20
CA GLN B 146 -5.67 21.69 9.99
C GLN B 146 -4.81 22.92 9.69
N LEU B 147 -3.48 22.74 9.70
CA LEU B 147 -2.57 23.85 9.50
C LEU B 147 -2.02 23.85 8.08
N SER B 148 -1.87 25.08 7.56
CA SER B 148 -1.19 25.35 6.30
C SER B 148 0.31 25.25 6.51
N ILE B 149 1.01 24.57 5.62
CA ILE B 149 2.46 24.55 5.69
C ILE B 149 3.10 25.27 4.51
N LYS B 150 2.50 25.21 3.31
CA LYS B 150 3.07 25.85 2.13
C LYS B 150 3.53 27.27 2.42
N GLY B 151 4.83 27.52 2.27
CA GLY B 151 5.36 28.86 2.44
C GLY B 151 5.31 29.32 3.90
N LYS B 152 5.24 28.37 4.86
CA LYS B 152 5.38 28.66 6.28
C LYS B 152 6.63 27.97 6.80
N LYS B 153 7.44 28.67 7.62
CA LYS B 153 8.66 28.08 8.16
C LYS B 153 8.32 27.05 9.23
N ASN B 154 7.29 27.37 10.04
CA ASN B 154 6.99 26.63 11.25
C ASN B 154 5.57 26.87 11.78
N ILE B 155 5.23 26.11 12.82
CA ILE B 155 3.97 26.21 13.54
C ILE B 155 3.59 27.67 13.81
N PHE B 156 4.55 28.49 14.24
CA PHE B 156 4.19 29.84 14.66
C PHE B 156 3.47 30.57 13.53
N GLU B 157 4.06 30.52 12.35
CA GLU B 157 3.49 31.14 11.16
C GLU B 157 2.15 30.49 10.78
N SER B 158 2.09 29.16 10.76
CA SER B 158 0.84 28.42 10.56
C SER B 158 -0.29 28.99 11.43
N PHE B 159 0.01 29.26 12.71
CA PHE B 159 -1.01 29.77 13.60
C PHE B 159 -1.34 31.21 13.24
N VAL B 160 -0.28 32.02 13.06
CA VAL B 160 -0.47 33.42 12.68
C VAL B 160 -1.39 33.49 11.46
N ASP B 161 -1.07 32.70 10.43
CA ASP B 161 -1.89 32.55 9.25
C ASP B 161 -3.34 32.18 9.61
N TYR B 162 -3.53 31.19 10.51
CA TYR B 162 -4.86 30.75 10.92
C TYR B 162 -5.68 31.93 11.47
N VAL B 163 -5.07 32.80 12.28
CA VAL B 163 -5.79 33.92 12.86
C VAL B 163 -5.46 35.24 12.14
N ALA B 164 -4.97 35.13 10.90
CA ALA B 164 -4.90 36.28 10.03
C ALA B 164 -6.31 36.63 9.57
N VAL B 165 -6.44 37.83 9.03
CA VAL B 165 -7.73 38.41 8.73
C VAL B 165 -7.88 38.49 7.23
N GLU B 166 -8.81 37.72 6.65
CA GLU B 166 -9.04 37.82 5.21
C GLU B 166 -10.15 38.83 4.93
N GLN B 167 -10.14 39.35 3.70
CA GLN B 167 -11.00 40.45 3.27
C GLN B 167 -12.12 39.94 2.38
N LEU B 168 -13.33 40.47 2.57
CA LEU B 168 -14.39 40.26 1.59
C LEU B 168 -14.54 41.56 0.81
N ASP B 169 -14.40 41.44 -0.53
CA ASP B 169 -14.59 42.55 -1.46
C ASP B 169 -14.72 42.02 -2.89
N GLY B 170 -14.85 42.93 -3.87
CA GLY B 170 -15.05 42.57 -5.26
C GLY B 170 -16.31 41.72 -5.44
N ASP B 171 -16.28 40.77 -6.38
CA ASP B 171 -17.42 39.91 -6.66
C ASP B 171 -17.79 39.09 -5.42
N ASN B 172 -16.80 38.84 -4.55
CA ASN B 172 -17.03 38.12 -3.31
C ASN B 172 -17.12 39.10 -2.14
N LYS B 173 -18.08 40.02 -2.26
CA LYS B 173 -18.37 41.03 -1.26
C LYS B 173 -19.23 40.39 -0.18
N TYR B 174 -19.36 41.05 0.99
CA TYR B 174 -20.13 40.50 2.10
C TYR B 174 -21.60 40.89 1.98
N ASP B 175 -22.51 39.92 2.16
CA ASP B 175 -23.94 40.17 2.13
C ASP B 175 -24.41 40.64 3.50
N ALA B 176 -24.08 41.87 3.86
CA ALA B 176 -24.56 42.43 5.12
C ALA B 176 -26.03 42.78 4.96
N GLY B 177 -26.91 41.77 5.05
CA GLY B 177 -28.32 41.98 4.80
C GLY B 177 -28.79 43.27 5.44
N GLU B 178 -29.62 44.03 4.69
CA GLU B 178 -30.14 45.32 5.14
C GLU B 178 -29.10 46.41 4.88
N HIS B 179 -27.81 46.08 4.94
CA HIS B 179 -26.76 47.00 4.55
C HIS B 179 -26.33 46.71 3.11
N GLY B 180 -26.91 45.66 2.53
CA GLY B 180 -26.76 45.37 1.12
C GLY B 180 -25.53 44.50 0.90
N LEU B 181 -24.54 45.03 0.18
CA LEU B 181 -23.26 44.37 0.04
C LEU B 181 -22.25 45.26 0.73
N GLN B 182 -21.18 44.67 1.25
CA GLN B 182 -20.15 45.45 1.90
C GLN B 182 -18.80 44.80 1.66
N GLU B 183 -17.78 45.65 1.50
CA GLU B 183 -16.43 45.25 1.77
C GLU B 183 -16.42 45.06 3.28
N ALA B 184 -15.62 44.09 3.77
CA ALA B 184 -15.61 43.74 5.18
C ALA B 184 -14.47 42.77 5.45
N GLU B 185 -14.16 42.50 6.73
CA GLU B 185 -13.14 41.50 7.05
C GLU B 185 -13.67 40.34 7.90
N LYS B 186 -13.22 39.17 7.48
CA LYS B 186 -13.57 37.89 8.05
C LYS B 186 -12.41 37.50 8.95
N GLY B 187 -12.73 36.97 10.14
CA GLY B 187 -11.70 36.57 11.09
C GLY B 187 -12.07 35.32 11.88
N VAL B 188 -11.07 34.73 12.55
CA VAL B 188 -11.29 33.67 13.51
C VAL B 188 -10.31 33.81 14.68
N LYS B 189 -10.70 33.31 15.85
CA LYS B 189 -9.89 33.45 17.07
C LYS B 189 -10.29 32.41 18.11
N PHE B 190 -9.32 31.98 18.91
CA PHE B 190 -9.51 30.89 19.85
C PHE B 190 -10.04 31.40 21.20
N LEU B 191 -11.19 30.86 21.61
CA LEU B 191 -11.70 31.05 22.96
C LEU B 191 -11.03 30.05 23.90
N THR B 192 -10.91 28.77 23.48
CA THR B 192 -10.30 27.74 24.32
C THR B 192 -9.57 26.70 23.50
N LEU B 193 -8.47 26.20 24.09
CA LEU B 193 -7.68 25.07 23.59
C LEU B 193 -7.86 23.88 24.53
N PRO B 194 -7.88 22.61 24.05
CA PRO B 194 -8.19 21.50 24.93
C PRO B 194 -6.93 20.93 25.57
N PRO B 195 -7.05 20.05 26.57
CA PRO B 195 -5.89 19.32 27.07
C PRO B 195 -5.18 18.52 25.99
N VAL B 196 -5.92 17.99 25.01
CA VAL B 196 -5.32 17.12 23.98
C VAL B 196 -5.55 17.76 22.62
N LEU B 197 -4.43 18.17 21.98
CA LEU B 197 -4.49 19.07 20.83
C LEU B 197 -4.05 18.32 19.59
N HIS B 198 -5.02 17.99 18.71
CA HIS B 198 -4.70 17.31 17.44
C HIS B 198 -4.50 18.31 16.30
N LEU B 199 -3.30 18.28 15.71
CA LEU B 199 -2.95 19.22 14.66
C LEU B 199 -2.54 18.52 13.37
N GLN B 200 -3.41 18.55 12.36
CA GLN B 200 -3.06 18.04 11.04
C GLN B 200 -2.27 19.08 10.23
N LEU B 201 -1.31 18.61 9.45
CA LEU B 201 -0.61 19.46 8.51
C LEU B 201 -1.13 19.21 7.10
N MET B 202 -1.57 20.29 6.46
CA MET B 202 -2.01 20.23 5.08
C MET B 202 -0.82 20.04 4.13
N ARG B 203 -0.41 18.78 3.92
CA ARG B 203 0.69 18.46 3.01
C ARG B 203 0.19 17.96 1.65
N PHE B 204 -1.12 18.04 1.42
CA PHE B 204 -1.77 17.34 0.33
C PHE B 204 -2.71 18.31 -0.36
N MET B 205 -2.32 18.78 -1.56
CA MET B 205 -3.03 19.87 -2.21
C MET B 205 -3.35 19.50 -3.64
N TYR B 206 -4.27 20.29 -4.25
CA TYR B 206 -4.72 20.10 -5.63
C TYR B 206 -3.63 20.56 -6.61
N ASP B 207 -3.87 20.30 -7.91
CA ASP B 207 -2.96 20.68 -8.99
C ASP B 207 -3.64 20.36 -10.32
N PRO B 208 -3.14 20.83 -11.49
CA PRO B 208 -3.71 20.46 -12.80
C PRO B 208 -4.44 19.12 -12.88
N ASN B 213 -3.85 15.75 -6.80
CA ASN B 213 -3.44 15.68 -5.37
C ASN B 213 -2.00 15.15 -5.28
N ILE B 214 -1.11 15.99 -4.74
CA ILE B 214 0.32 15.67 -4.62
C ILE B 214 0.76 15.95 -3.17
N LYS B 215 1.77 15.19 -2.72
CA LYS B 215 2.39 15.43 -1.42
C LYS B 215 3.47 16.49 -1.56
N ILE B 216 3.48 17.41 -0.58
CA ILE B 216 4.39 18.52 -0.51
C ILE B 216 5.44 18.25 0.56
N ASN B 217 6.64 17.80 0.19
CA ASN B 217 7.63 17.39 1.16
C ASN B 217 8.50 18.55 1.70
N ASP B 218 8.01 19.79 1.76
CA ASP B 218 8.84 20.92 2.15
C ASP B 218 9.16 20.94 3.64
N ARG B 219 10.26 21.61 4.00
CA ARG B 219 10.68 21.81 5.39
C ARG B 219 9.62 22.57 6.21
N PHE B 220 9.30 22.05 7.41
CA PHE B 220 8.38 22.71 8.33
C PHE B 220 8.63 22.28 9.78
N GLU B 221 8.92 23.25 10.64
CA GLU B 221 9.44 22.97 11.96
C GLU B 221 8.34 23.00 13.02
N PHE B 222 8.40 22.05 13.96
CA PHE B 222 7.65 22.16 15.20
C PHE B 222 8.59 22.04 16.41
N PRO B 223 8.19 22.56 17.59
CA PRO B 223 9.00 22.44 18.82
C PRO B 223 8.53 21.34 19.76
N GLU B 224 9.39 21.04 20.74
CA GLU B 224 9.00 20.19 21.84
C GLU B 224 8.01 20.93 22.73
N GLN B 225 8.27 22.21 23.01
CA GLN B 225 7.38 23.02 23.85
C GLN B 225 6.78 24.14 23.02
N LEU B 226 5.46 24.30 23.11
CA LEU B 226 4.70 25.20 22.25
C LEU B 226 3.84 26.12 23.11
N PRO B 227 4.14 27.44 23.11
CA PRO B 227 3.34 28.42 23.81
C PRO B 227 2.28 28.98 22.88
N LEU B 228 1.02 28.71 23.16
CA LEU B 228 -0.03 29.29 22.34
C LEU B 228 -0.78 30.43 23.02
N ASP B 229 -0.32 30.92 24.21
CA ASP B 229 -0.95 32.05 24.89
C ASP B 229 -1.27 33.21 23.95
N GLU B 230 -0.30 33.58 23.10
CA GLU B 230 -0.47 34.71 22.19
C GLU B 230 -1.73 34.56 21.34
N PHE B 231 -2.06 33.33 20.94
CA PHE B 231 -3.17 33.12 20.01
C PHE B 231 -4.52 33.03 20.71
N LEU B 232 -4.57 33.26 22.03
CA LEU B 232 -5.84 33.26 22.73
C LEU B 232 -6.47 34.65 22.67
N GLN B 233 -7.81 34.71 22.60
CA GLN B 233 -8.52 35.97 22.64
C GLN B 233 -8.21 36.72 23.93
N LYS B 234 -7.99 36.00 25.03
CA LYS B 234 -7.43 36.56 26.25
C LYS B 234 -6.96 35.41 27.14
N THR B 235 -5.94 35.64 27.97
CA THR B 235 -5.23 34.55 28.60
C THR B 235 -5.83 34.22 29.97
N ASP B 236 -5.23 33.22 30.65
CA ASP B 236 -5.34 33.04 32.10
C ASP B 236 -3.92 33.04 32.66
N PRO B 237 -3.60 33.86 33.69
CA PRO B 237 -2.31 33.78 34.38
C PRO B 237 -1.96 32.54 35.21
N LYS B 238 -2.97 31.73 35.60
CA LYS B 238 -2.71 30.51 36.35
C LYS B 238 -2.42 29.33 35.41
N ASP B 239 -3.25 29.18 34.37
CA ASP B 239 -3.10 28.10 33.40
C ASP B 239 -2.70 28.68 32.04
N PRO B 240 -1.42 29.04 31.81
CA PRO B 240 -0.99 29.44 30.47
C PRO B 240 -1.09 28.26 29.52
N ALA B 241 -1.44 28.52 28.26
CA ALA B 241 -1.54 27.49 27.24
C ALA B 241 -0.17 27.12 26.65
N ASN B 242 0.72 26.47 27.43
CA ASN B 242 1.90 25.81 26.89
C ASN B 242 1.65 24.32 26.69
N TYR B 243 2.26 23.73 25.65
CA TYR B 243 1.96 22.36 25.28
C TYR B 243 3.21 21.54 25.01
N ILE B 244 3.11 20.23 25.25
CA ILE B 244 4.24 19.32 25.21
C ILE B 244 3.99 18.30 24.13
N LEU B 245 4.97 18.09 23.27
CA LEU B 245 4.81 17.18 22.16
C LEU B 245 4.73 15.76 22.70
N HIS B 246 3.65 15.06 22.37
CA HIS B 246 3.49 13.67 22.79
C HIS B 246 3.77 12.71 21.62
N ALA B 247 3.12 12.95 20.47
CA ALA B 247 3.19 12.02 19.35
C ALA B 247 3.46 12.74 18.03
N VAL B 248 4.20 12.07 17.15
CA VAL B 248 4.44 12.57 15.80
C VAL B 248 4.05 11.53 14.76
N LEU B 249 3.02 11.85 13.96
CA LEU B 249 2.60 11.01 12.85
C LEU B 249 3.48 11.28 11.63
N VAL B 250 3.94 10.21 10.99
CA VAL B 250 4.91 10.36 9.92
C VAL B 250 4.61 9.42 8.74
N HIS B 251 5.17 9.79 7.57
CA HIS B 251 4.89 9.11 6.31
C HIS B 251 6.00 9.32 5.28
N SER B 252 6.16 8.28 4.43
CA SER B 252 7.04 8.22 3.27
C SER B 252 6.24 7.62 2.10
N ASN B 255 5.53 -2.38 1.99
CA ASN B 255 4.26 -1.66 1.73
C ASN B 255 4.40 -0.66 0.57
N HIS B 256 4.10 -1.07 -0.67
CA HIS B 256 3.40 -0.13 -1.53
C HIS B 256 2.05 0.03 -0.86
N GLY B 257 1.63 1.28 -0.74
CA GLY B 257 0.51 1.64 0.11
C GLY B 257 0.98 2.76 1.03
N GLY B 258 2.31 3.00 1.01
CA GLY B 258 2.95 4.04 1.79
C GLY B 258 3.64 3.44 3.02
N HIS B 259 4.68 4.09 3.55
CA HIS B 259 5.28 3.67 4.80
C HIS B 259 4.88 4.64 5.92
N TYR B 260 3.98 4.23 6.81
CA TYR B 260 3.45 5.10 7.85
C TYR B 260 4.03 4.72 9.21
N VAL B 261 4.71 5.67 9.88
CA VAL B 261 5.37 5.41 11.15
C VAL B 261 5.04 6.51 12.17
N VAL B 262 4.82 6.13 13.44
CA VAL B 262 4.60 7.10 14.51
C VAL B 262 5.70 7.07 15.58
N TYR B 263 6.07 8.27 16.05
CA TYR B 263 6.98 8.42 17.17
C TYR B 263 6.18 8.88 18.37
N LEU B 264 6.32 8.19 19.50
CA LEU B 264 5.75 8.67 20.75
C LEU B 264 6.82 8.74 21.83
N ASN B 265 6.46 9.46 22.91
CA ASN B 265 7.12 9.39 24.20
C ASN B 265 6.00 9.19 25.21
N PRO B 266 5.51 7.93 25.31
CA PRO B 266 4.27 7.59 26.00
C PRO B 266 4.08 8.21 27.38
N LYS B 267 5.05 8.02 28.28
CA LYS B 267 4.92 8.53 29.63
C LYS B 267 5.18 10.04 29.64
N GLY B 268 5.51 10.62 28.49
CA GLY B 268 5.65 12.06 28.41
C GLY B 268 6.98 12.56 28.97
N ASP B 269 7.85 11.62 29.35
CA ASP B 269 9.09 11.96 30.03
C ASP B 269 10.24 12.17 29.04
N GLY B 270 9.95 12.46 27.78
CA GLY B 270 10.99 12.74 26.79
C GLY B 270 11.76 11.50 26.38
N LYS B 271 11.28 10.30 26.78
CA LYS B 271 11.83 9.04 26.32
C LYS B 271 11.03 8.50 25.13
N TRP B 272 11.53 8.81 23.92
CA TRP B 272 10.86 8.49 22.67
C TRP B 272 11.03 7.03 22.23
N CYS B 273 10.02 6.52 21.54
CA CYS B 273 10.14 5.26 20.81
C CYS B 273 9.49 5.37 19.44
N LYS B 274 10.06 4.62 18.48
CA LYS B 274 9.52 4.49 17.14
C LYS B 274 8.57 3.30 17.06
N PHE B 275 7.39 3.52 16.47
CA PHE B 275 6.40 2.47 16.31
C PHE B 275 6.17 2.13 14.83
N ASP B 276 6.72 0.99 14.36
CA ASP B 276 6.57 0.56 12.97
C ASP B 276 5.81 -0.77 12.93
N ASP B 277 4.50 -0.71 12.68
CA ASP B 277 3.64 -1.89 12.69
C ASP B 277 4.08 -2.84 13.80
N ASP B 278 4.75 -3.96 13.48
CA ASP B 278 5.09 -4.97 14.48
C ASP B 278 6.43 -4.70 15.15
N VAL B 279 7.13 -3.62 14.78
CA VAL B 279 8.48 -3.38 15.30
C VAL B 279 8.49 -2.12 16.17
N VAL B 280 8.67 -2.30 17.49
CA VAL B 280 8.81 -1.18 18.43
C VAL B 280 10.25 -1.13 18.96
N SER B 281 10.83 0.07 19.04
CA SER B 281 12.23 0.26 19.36
C SER B 281 12.45 1.65 19.92
N ARG B 282 13.37 1.80 20.89
CA ARG B 282 13.70 3.10 21.43
C ARG B 282 14.46 3.89 20.38
N CYS B 283 14.47 5.23 20.52
CA CYS B 283 15.02 6.12 19.50
C CYS B 283 15.30 7.48 20.11
N THR B 284 16.13 8.28 19.42
CA THR B 284 16.54 9.59 19.92
C THR B 284 15.43 10.63 19.72
N LYS B 285 15.55 11.70 20.48
CA LYS B 285 14.61 12.81 20.37
C LYS B 285 14.76 13.51 19.01
N GLU B 286 15.99 13.53 18.48
CA GLU B 286 16.31 14.14 17.19
C GLU B 286 15.69 13.35 16.03
N GLU B 287 15.68 12.00 16.12
CA GLU B 287 15.04 11.15 15.12
C GLU B 287 13.53 11.35 15.09
N ALA B 288 12.99 11.84 16.21
CA ALA B 288 11.56 11.93 16.43
C ALA B 288 11.05 13.31 16.03
N ILE B 289 11.94 14.31 16.08
CA ILE B 289 11.54 15.70 15.96
C ILE B 289 12.18 16.30 14.71
N GLU B 290 13.48 16.64 14.76
CA GLU B 290 14.12 17.37 13.68
C GLU B 290 14.07 16.55 12.39
N HIS B 291 14.37 15.25 12.52
CA HIS B 291 14.47 14.34 11.40
C HIS B 291 13.12 14.18 10.68
N ASN B 292 12.05 14.85 11.15
CA ASN B 292 10.75 14.84 10.50
C ASN B 292 10.24 16.26 10.17
N TYR B 293 11.18 17.16 9.85
CA TYR B 293 10.83 18.43 9.26
C TYR B 293 10.70 18.32 7.74
N GLY B 294 11.53 17.49 7.10
CA GLY B 294 11.37 17.15 5.69
C GLY B 294 12.11 18.08 4.74
N CYS B 305 12.92 8.61 3.51
CA CYS B 305 13.04 9.79 4.40
C CYS B 305 11.65 10.35 4.66
N THR B 306 11.27 10.40 5.95
CA THR B 306 9.88 10.57 6.37
C THR B 306 9.67 11.92 7.06
N ASN B 307 8.55 12.57 6.73
CA ASN B 307 8.09 13.76 7.44
C ASN B 307 6.68 13.55 7.97
N ALA B 308 6.16 14.59 8.63
CA ALA B 308 5.05 14.48 9.57
C ALA B 308 3.80 15.13 8.99
N TYR B 309 2.64 14.46 9.18
CA TYR B 309 1.34 14.97 8.71
C TYR B 309 0.45 15.31 9.91
N MET B 310 0.71 14.71 11.06
CA MET B 310 -0.16 14.94 12.21
C MET B 310 0.70 15.09 13.47
N LEU B 311 0.29 15.97 14.37
CA LEU B 311 1.05 16.22 15.59
C LEU B 311 0.14 16.17 16.80
N VAL B 312 0.61 15.54 17.87
CA VAL B 312 -0.15 15.58 19.11
C VAL B 312 0.67 16.28 20.17
N TYR B 313 0.00 17.27 20.77
CA TYR B 313 0.51 18.04 21.90
C TYR B 313 -0.44 17.92 23.07
N ILE B 314 0.14 17.81 24.29
CA ILE B 314 -0.60 17.82 25.56
C ILE B 314 -0.18 19.03 26.38
N ARG B 315 -1.17 19.71 26.98
CA ARG B 315 -0.95 20.89 27.79
C ARG B 315 -0.24 20.51 29.08
N GLU B 316 0.77 21.29 29.50
CA GLU B 316 1.61 20.91 30.63
C GLU B 316 0.76 20.70 31.88
N SER B 317 -0.35 21.45 31.98
CA SER B 317 -1.18 21.49 33.18
C SER B 317 -2.14 20.29 33.27
N LYS B 318 -2.19 19.47 32.21
CA LYS B 318 -3.14 18.37 32.14
C LYS B 318 -2.42 17.05 31.94
N LEU B 319 -1.08 17.12 31.86
CA LEU B 319 -0.31 15.95 31.49
C LEU B 319 -0.58 14.83 32.49
N SER B 320 -0.25 15.04 33.75
CA SER B 320 -0.32 13.97 34.73
C SER B 320 -1.63 13.20 34.67
N GLU B 321 -2.74 13.95 34.60
CA GLU B 321 -4.08 13.39 34.58
C GLU B 321 -4.30 12.60 33.30
N VAL B 322 -4.05 13.24 32.15
CA VAL B 322 -4.26 12.62 30.85
C VAL B 322 -3.46 11.33 30.76
N LEU B 323 -2.19 11.45 31.17
CA LEU B 323 -1.21 10.40 31.00
C LEU B 323 -1.18 9.48 32.22
N GLN B 324 -2.17 9.55 33.10
CA GLN B 324 -2.19 8.76 34.33
C GLN B 324 -2.01 7.28 34.01
N ALA B 325 -1.42 6.55 34.97
CA ALA B 325 -1.07 5.15 34.75
C ALA B 325 -2.33 4.30 34.77
N VAL B 326 -2.35 3.27 33.91
CA VAL B 326 -3.46 2.34 33.81
C VAL B 326 -2.95 0.96 34.21
N THR B 327 -3.78 0.17 34.92
CA THR B 327 -3.37 -1.12 35.46
C THR B 327 -4.31 -2.23 34.96
N ASP B 328 -3.94 -3.47 35.29
CA ASP B 328 -4.76 -4.62 34.93
C ASP B 328 -6.09 -4.57 35.66
N HIS B 329 -6.15 -3.75 36.72
CA HIS B 329 -7.34 -3.62 37.55
C HIS B 329 -8.12 -2.36 37.20
N ASP B 330 -7.92 -1.81 35.98
CA ASP B 330 -8.75 -0.74 35.46
C ASP B 330 -9.74 -1.31 34.44
N ILE B 331 -9.54 -2.57 34.04
CA ILE B 331 -10.44 -3.26 33.14
C ILE B 331 -11.46 -4.07 33.95
N PRO B 332 -12.78 -3.94 33.67
CA PRO B 332 -13.79 -4.81 34.29
C PRO B 332 -13.81 -6.26 33.82
N GLN B 333 -14.20 -7.14 34.74
CA GLN B 333 -14.19 -8.58 34.51
C GLN B 333 -15.12 -8.95 33.36
N GLN B 334 -16.36 -8.49 33.42
CA GLN B 334 -17.32 -8.77 32.36
C GLN B 334 -16.58 -8.73 31.03
N LEU B 335 -15.95 -7.59 30.76
CA LEU B 335 -15.18 -7.41 29.55
C LEU B 335 -14.06 -8.45 29.54
N VAL B 336 -13.18 -8.40 30.55
CA VAL B 336 -12.04 -9.30 30.59
C VAL B 336 -12.48 -10.71 30.16
N GLU B 337 -13.52 -11.22 30.84
CA GLU B 337 -14.06 -12.56 30.63
C GLU B 337 -14.51 -12.77 29.18
N ARG B 338 -15.23 -11.80 28.61
CA ARG B 338 -15.81 -11.95 27.27
C ARG B 338 -14.71 -12.04 26.22
N LEU B 339 -13.58 -11.37 26.47
CA LEU B 339 -12.54 -11.28 25.47
C LEU B 339 -11.78 -12.59 25.43
N GLN B 340 -11.41 -13.11 26.61
CA GLN B 340 -10.67 -14.36 26.66
C GLN B 340 -11.45 -15.50 26.00
N GLU B 341 -12.79 -15.44 26.03
CA GLU B 341 -13.63 -16.44 25.39
C GLU B 341 -13.49 -16.38 23.86
N GLU B 342 -13.36 -15.15 23.34
CA GLU B 342 -13.19 -14.95 21.90
C GLU B 342 -11.95 -15.70 21.43
N LYS B 343 -10.89 -15.73 22.26
CA LYS B 343 -9.64 -16.39 21.90
C LYS B 343 -9.79 -17.91 21.98
N ARG B 344 -10.61 -18.39 22.90
CA ARG B 344 -10.84 -19.82 23.05
C ARG B 344 -11.54 -20.37 21.82
N ILE B 345 -12.54 -19.65 21.29
CA ILE B 345 -13.19 -20.06 20.05
C ILE B 345 -12.20 -19.91 18.89
N GLU B 346 -11.41 -18.83 18.92
CA GLU B 346 -10.46 -18.51 17.87
C GLU B 346 -9.40 -19.62 17.77
N ALA B 347 -8.96 -20.13 18.93
CA ALA B 347 -7.88 -21.11 18.99
C ALA B 347 -8.34 -22.54 18.68
N GLN B 348 -9.66 -22.81 18.71
CA GLN B 348 -10.20 -24.13 18.37
C GLN B 348 -10.05 -24.48 16.88
N LYS B 349 -10.00 -23.47 16.01
CA LYS B 349 -10.26 -23.67 14.59
C LYS B 349 -9.21 -24.60 13.95
N1 A1ICV C . 5.60 -8.76 0.52
N3 A1ICV C . 7.82 -15.09 -6.11
C4 A1ICV C . 4.32 -8.79 -0.23
C5 A1ICV C . 5.58 -7.67 1.50
C6 A1ICV C . 4.68 -6.52 1.10
C7 A1ICV C . 5.03 -5.66 0.04
C8 A1ICV C . 4.19 -4.63 -0.33
C10 A1ICV C . 2.66 -5.22 1.41
C13 A1ICV C . 6.74 -9.63 -1.51
C15 A1ICV C . 8.42 -8.92 -3.30
C17 A1ICV C . 10.39 -10.20 -3.70
C20 A1ICV C . 5.56 -12.04 -3.72
C21 A1ICV C . 6.79 -12.76 -4.19
C22 A1ICV C . 6.86 -12.84 -5.71
C24 A1ICV C . 7.08 -15.78 -7.03
C26 A1ICV C . 6.96 -19.12 -5.81
C28 A1ICV C . 8.15 -19.24 -3.72
O1 A1ICV C . 4.96 -8.56 -4.47
C1 A1ICV C . 5.30 -9.52 -3.76
C2 A1ICV C . 5.48 -9.21 -2.28
C3 A1ICV C . 4.31 -9.72 -1.43
C9 A1ICV C . 3.00 -4.40 0.35
C11 A1ICV C . 3.49 -6.27 1.78
C12 A1ICV C . 6.81 -8.66 -0.33
C14 A1ICV C . 8.03 -9.78 -2.30
C16 A1ICV C . 9.60 -9.12 -4.00
C18 A1ICV C . 10.03 -11.05 -2.71
C19 A1ICV C . 8.86 -10.84 -2.00
N2 A1ICV C . 5.46 -10.72 -4.35
O2 A1ICV C . 5.66 -13.46 -6.17
C23 A1ICV C . 8.04 -13.65 -6.29
N4 A1ICV C . 6.79 -17.04 -6.98
C25 A1ICV C . 7.26 -17.75 -5.89
C27 A1ICV C . 7.39 -19.85 -4.73
C29 A1ICV C . 8.48 -17.91 -3.80
C30 A1ICV C . 8.02 -17.17 -4.88
C31 A1ICV C . 8.33 -15.74 -4.99
O3 A1ICV C . 8.98 -15.13 -4.15
C32 A1ICV C . 6.78 -11.43 -6.28
C33 A1ICV C . 5.52 -10.75 -5.82
H4 A1ICV C . 3.61 -9.08 0.39
H5 A1ICV C . 4.11 -7.90 -0.53
H6 A1ICV C . 6.49 -7.33 1.62
H7 A1ICV C . 5.27 -8.03 2.36
H8 A1ICV C . 5.83 -5.82 -0.43
H9 A1ICV C . 4.43 -4.06 -1.05
H11 A1ICV C . 1.86 -5.07 1.88
H15 A1ICV C . 6.55 -10.52 -1.13
H16 A1ICV C . 7.87 -8.18 -3.53
H18 A1ICV C . 11.20 -10.34 -4.17
H22 A1ICV C . 5.60 -11.93 -2.73
H21 A1ICV C . 4.77 -12.57 -3.94
H24 A1ICV C . 7.60 -12.30 -3.86
H23 A1ICV C . 6.80 -13.68 -3.82
H28 A1ICV C . 6.75 -15.29 -7.77
H29 A1ICV C . 6.45 -19.53 -6.48
H31 A1ICV C . 8.46 -19.76 -2.99
H1 A1ICV C . 5.42 -8.22 -2.24
H2 A1ICV C . 4.44 -10.65 -1.16
H3 A1ICV C . 3.47 -9.65 -1.92
H10 A1ICV C . 2.44 -3.69 0.11
H12 A1ICV C . 3.24 -6.83 2.49
H14 A1ICV C . 6.90 -7.75 -0.66
H13 A1ICV C . 7.60 -8.87 0.22
H17 A1ICV C . 9.85 -8.53 -4.69
H19 A1ICV C . 10.58 -11.79 -2.48
H20 A1ICV C . 8.60 -11.44 -1.32
H25 A1ICV C . 5.63 -14.24 -5.90
H27 A1ICV C . 8.13 -13.45 -7.25
H26 A1ICV C . 8.87 -13.38 -5.84
H30 A1ICV C . 7.19 -20.77 -4.68
H32 A1ICV C . 8.98 -17.51 -3.12
H33 A1ICV C . 6.78 -11.47 -7.26
H34 A1ICV C . 7.56 -10.91 -5.97
H35 A1ICV C . 4.73 -11.23 -6.17
H36 A1ICV C . 5.49 -9.84 -6.18
N1 A1ICV D . -1.01 9.58 -0.61
N3 A1ICV D . -3.85 15.77 5.88
C4 A1ICV D . -1.98 8.62 -0.07
C5 A1ICV D . -0.21 8.94 -1.65
C6 A1ICV D . -1.08 8.62 -2.84
C7 A1ICV D . -1.43 7.31 -3.14
C8 A1ICV D . -2.28 7.03 -4.20
C10 A1ICV D . -2.47 9.38 -4.67
C13 A1ICV D . -1.06 10.82 1.46
C15 A1ICV D . 0.40 11.16 3.48
C17 A1ICV D . 1.16 13.32 4.18
C20 A1ICV D . -3.87 12.00 3.58
C21 A1ICV D . -3.41 13.34 4.10
C22 A1ICV D . -3.32 13.37 5.61
C24 A1ICV D . -4.98 15.90 6.64
C26 A1ICV D . -6.76 18.59 5.14
C28 A1ICV D . -5.53 19.41 3.23
O1 A1ICV D . -2.44 8.84 4.14
C1 A1ICV D . -2.51 9.86 3.46
C2 A1ICV D . -1.91 9.69 2.08
C3 A1ICV D . -2.89 9.23 0.98
C9 A1ICV D . -2.79 8.06 -4.97
C11 A1ICV D . -1.63 9.65 -3.60
C12 A1ICV D . -0.16 10.16 0.45
C14 A1ICV D . -0.28 11.72 2.42
C16 A1ICV D . 1.11 11.96 4.35
C18 A1ICV D . 0.50 13.89 3.13
C19 A1ICV D . -0.20 13.11 2.23
N2 A1ICV D . -3.05 10.91 4.11
O2 A1ICV D . -4.58 13.06 6.21
C23 A1ICV D . -2.87 14.73 6.21
N4 A1ICV D . -5.91 16.77 6.44
C25 A1ICV D . -5.76 17.64 5.37
C27 A1ICV D . -6.65 19.46 4.07
C29 A1ICV D . -4.52 18.49 3.46
C30 A1ICV D . -4.64 17.60 4.54
C31 A1ICV D . -3.61 16.61 4.80
O3 A1ICV D . -2.59 16.47 4.14
C32 A1ICV D . -2.36 12.24 6.00
C33 A1ICV D . -2.89 10.91 5.57
H4 A1ICV D . -2.53 8.28 -0.80
H5 A1ICV D . -1.50 7.87 0.32
H6 A1ICV D . 0.18 8.11 -1.30
H7 A1ICV D . 0.51 9.54 -1.94
H8 A1ICV D . -1.09 6.60 -2.62
H9 A1ICV D . -2.49 6.14 -4.42
H11 A1ICV D . -2.82 10.08 -5.19
H15 A1ICV D . -1.68 11.41 0.96
H16 A1ICV D . 0.37 10.23 3.61
H18 A1ICV D . 1.66 13.85 4.77
H22 A1ICV D . -3.83 11.99 2.60
H21 A1ICV D . -4.81 11.85 3.85
H24 A1ICV D . -2.53 13.56 3.71
H23 A1ICV D . -4.05 14.04 3.81
H28 A1ICV D . -5.08 15.31 7.35
H29 A1ICV D . -7.52 18.62 5.69
H31 A1ICV D . -5.45 20.02 2.51
H1 A1ICV D . -1.30 8.93 2.20
H2 A1ICV D . -3.38 9.99 0.62
H3 A1ICV D . -3.52 8.57 1.32
H10 A1ICV D . -3.36 7.88 -5.70
H12 A1ICV D . -1.41 10.55 -3.39
H14 A1ICV D . 0.36 9.44 0.87
H13 A1ICV D . 0.45 10.82 0.05
H17 A1ICV D . 1.58 11.56 5.08
H19 A1ICV D . 0.54 14.82 2.99
H20 A1ICV D . -0.67 13.50 1.52
H25 A1ICV D . -5.12 13.64 6.01
H27 A1ICV D . -2.79 14.63 7.19
H26 A1ICV D . -1.99 14.96 5.84
H30 A1ICV D . -7.33 20.10 3.92
H32 A1ICV D . -3.78 18.46 2.89
H33 A1ICV D . -2.24 12.24 6.98
H34 A1ICV D . -1.48 12.40 5.58
H35 A1ICV D . -3.77 10.74 6.00
H36 A1ICV D . -2.27 10.21 5.84
#